data_1A9J
# 
_entry.id   1A9J 
# 
_audit_conform.dict_name       mmcif_pdbx.dic 
_audit_conform.dict_version    5.390 
_audit_conform.dict_location   http://mmcif.pdb.org/dictionaries/ascii/mmcif_pdbx.dic 
# 
loop_
_database_2.database_id 
_database_2.database_code 
_database_2.pdbx_database_accession 
_database_2.pdbx_DOI 
PDB   1A9J         pdb_00001a9j 10.2210/pdb1a9j/pdb 
WWPDB D_1000170561 ?            ?                   
# 
loop_
_pdbx_audit_revision_history.ordinal 
_pdbx_audit_revision_history.data_content_type 
_pdbx_audit_revision_history.major_revision 
_pdbx_audit_revision_history.minor_revision 
_pdbx_audit_revision_history.revision_date 
1 'Structure model' 1 0 1998-07-15 
2 'Structure model' 1 1 2008-03-24 
3 'Structure model' 1 2 2011-07-13 
4 'Structure model' 1 3 2014-07-09 
5 'Structure model' 1 4 2024-04-10 
# 
_pdbx_audit_revision_details.ordinal             1 
_pdbx_audit_revision_details.revision_ordinal    1 
_pdbx_audit_revision_details.data_content_type   'Structure model' 
_pdbx_audit_revision_details.provider            repository 
_pdbx_audit_revision_details.type                'Initial release' 
_pdbx_audit_revision_details.description         ? 
_pdbx_audit_revision_details.details             ? 
# 
loop_
_pdbx_audit_revision_group.ordinal 
_pdbx_audit_revision_group.revision_ordinal 
_pdbx_audit_revision_group.data_content_type 
_pdbx_audit_revision_group.group 
1 2 'Structure model' 'Version format compliance' 
2 3 'Structure model' 'Version format compliance' 
3 4 'Structure model' 'Structure summary'         
4 5 'Structure model' 'Data collection'           
5 5 'Structure model' 'Database references'       
6 5 'Structure model' 'Derived calculations'      
7 5 'Structure model' Other                       
# 
loop_
_pdbx_audit_revision_category.ordinal 
_pdbx_audit_revision_category.revision_ordinal 
_pdbx_audit_revision_category.data_content_type 
_pdbx_audit_revision_category.category 
1 5 'Structure model' chem_comp_atom       
2 5 'Structure model' chem_comp_bond       
3 5 'Structure model' database_2           
4 5 'Structure model' pdbx_database_status 
5 5 'Structure model' struct_conn          
# 
loop_
_pdbx_audit_revision_item.ordinal 
_pdbx_audit_revision_item.revision_ordinal 
_pdbx_audit_revision_item.data_content_type 
_pdbx_audit_revision_item.item 
1  5 'Structure model' '_database_2.pdbx_DOI'                
2  5 'Structure model' '_database_2.pdbx_database_accession' 
3  5 'Structure model' '_pdbx_database_status.process_site'  
4  5 'Structure model' '_struct_conn.pdbx_leaving_atom_flag' 
5  5 'Structure model' '_struct_conn.ptnr1_auth_comp_id'     
6  5 'Structure model' '_struct_conn.ptnr1_auth_seq_id'      
7  5 'Structure model' '_struct_conn.ptnr1_label_atom_id'    
8  5 'Structure model' '_struct_conn.ptnr1_label_comp_id'    
9  5 'Structure model' '_struct_conn.ptnr1_label_seq_id'     
10 5 'Structure model' '_struct_conn.ptnr2_auth_comp_id'     
11 5 'Structure model' '_struct_conn.ptnr2_auth_seq_id'      
12 5 'Structure model' '_struct_conn.ptnr2_label_atom_id'    
13 5 'Structure model' '_struct_conn.ptnr2_label_comp_id'    
14 5 'Structure model' '_struct_conn.ptnr2_label_seq_id'     
# 
_pdbx_database_status.status_code                     REL 
_pdbx_database_status.entry_id                        1A9J 
_pdbx_database_status.recvd_initial_deposition_date   1998-04-06 
_pdbx_database_status.deposit_site                    ? 
_pdbx_database_status.process_site                    BNL 
_pdbx_database_status.SG_entry                        . 
_pdbx_database_status.status_code_sf                  ? 
_pdbx_database_status.status_code_mr                  ? 
_pdbx_database_status.status_code_cs                  ? 
_pdbx_database_status.methods_development_category    ? 
_pdbx_database_status.pdb_format_compatible           Y 
_pdbx_database_status.status_code_nmr_data            ? 
# 
loop_
_audit_author.name 
_audit_author.pdbx_ordinal 
'Beger, R.D.'  1 
'Bolton, P.H.' 2 
# 
_citation.id                        primary 
_citation.title                     'Structures of apurinic and apyrimidinic sites in duplex DNAs.' 
_citation.journal_abbrev            J.Biol.Chem. 
_citation.journal_volume            273 
_citation.page_first                15565 
_citation.page_last                 15573 
_citation.year                      1998 
_citation.journal_id_ASTM           JBCHA3 
_citation.country                   US 
_citation.journal_id_ISSN           0021-9258 
_citation.journal_id_CSD            0071 
_citation.book_publisher            ? 
_citation.pdbx_database_id_PubMed   9624147 
_citation.pdbx_database_id_DOI      10.1074/jbc.273.25.15565 
# 
loop_
_citation_author.citation_id 
_citation_author.name 
_citation_author.ordinal 
_citation_author.identifier_ORCID 
primary 'Beger, R.D.'  1 ? 
primary 'Bolton, P.H.' 2 ? 
# 
loop_
_entity.id 
_entity.type 
_entity.src_method 
_entity.pdbx_description 
_entity.formula_weight 
_entity.pdbx_number_of_molecules 
_entity.pdbx_ec 
_entity.pdbx_mutation 
_entity.pdbx_fragment 
_entity.details 
1 polymer syn 
;DNA (5'-D(*CP*GP*CP*GP*AP*AABP*AP*CP*GP*CP*C)-3')
;
3211.077 1 ? ? ? ? 
2 polymer syn 
;DNA (5'-D(*GP*GP*CP*GP*TP*AP*TP*CP*GP*CP*G)-3')
;
3390.209 1 ? ? ? ? 
3 water   nat water                                               18.015   1 ? ? ? ? 
# 
loop_
_entity_poly.entity_id 
_entity_poly.type 
_entity_poly.nstd_linkage 
_entity_poly.nstd_monomer 
_entity_poly.pdbx_seq_one_letter_code 
_entity_poly.pdbx_seq_one_letter_code_can 
_entity_poly.pdbx_strand_id 
_entity_poly.pdbx_target_identifier 
1 polydeoxyribonucleotide no yes '(DC)(DG)(DC)(DG)(DA)(AAB)(DA)(DC)(DG)(DC)(DC)' CGCGAXACGCC A ? 
2 polydeoxyribonucleotide no no  '(DG)(DG)(DC)(DG)(DT)(DA)(DT)(DC)(DG)(DC)(DG)'  GGCGTATCGCG B ? 
# 
_pdbx_entity_nonpoly.entity_id   3 
_pdbx_entity_nonpoly.name        water 
_pdbx_entity_nonpoly.comp_id     HOH 
# 
loop_
_entity_poly_seq.entity_id 
_entity_poly_seq.num 
_entity_poly_seq.mon_id 
_entity_poly_seq.hetero 
1 1  DC  n 
1 2  DG  n 
1 3  DC  n 
1 4  DG  n 
1 5  DA  n 
1 6  AAB n 
1 7  DA  n 
1 8  DC  n 
1 9  DG  n 
1 10 DC  n 
1 11 DC  n 
2 1  DG  n 
2 2  DG  n 
2 3  DC  n 
2 4  DG  n 
2 5  DT  n 
2 6  DA  n 
2 7  DT  n 
2 8  DC  n 
2 9  DG  n 
2 10 DC  n 
2 11 DG  n 
# 
loop_
_chem_comp.id 
_chem_comp.type 
_chem_comp.mon_nstd_flag 
_chem_comp.name 
_chem_comp.pdbx_synonyms 
_chem_comp.formula 
_chem_comp.formula_weight 
AAB 'DNA linking' . "2'-DEOXY-RIBOFURANOSE-5'-MONOPHOSPHATE" 'ABASIC DEOXYRIBOSE' 'C5 H11 O7 P'     214.110 
DA  'DNA linking' y "2'-DEOXYADENOSINE-5'-MONOPHOSPHATE"     ?                    'C10 H14 N5 O6 P' 331.222 
DC  'DNA linking' y "2'-DEOXYCYTIDINE-5'-MONOPHOSPHATE"      ?                    'C9 H14 N3 O7 P'  307.197 
DG  'DNA linking' y "2'-DEOXYGUANOSINE-5'-MONOPHOSPHATE"     ?                    'C10 H14 N5 O7 P' 347.221 
DT  'DNA linking' y "THYMIDINE-5'-MONOPHOSPHATE"             ?                    'C10 H15 N2 O8 P' 322.208 
HOH non-polymer   . WATER                                    ?                    'H2 O'            18.015  
# 
loop_
_pdbx_poly_seq_scheme.asym_id 
_pdbx_poly_seq_scheme.entity_id 
_pdbx_poly_seq_scheme.seq_id 
_pdbx_poly_seq_scheme.mon_id 
_pdbx_poly_seq_scheme.ndb_seq_num 
_pdbx_poly_seq_scheme.pdb_seq_num 
_pdbx_poly_seq_scheme.auth_seq_num 
_pdbx_poly_seq_scheme.pdb_mon_id 
_pdbx_poly_seq_scheme.auth_mon_id 
_pdbx_poly_seq_scheme.pdb_strand_id 
_pdbx_poly_seq_scheme.pdb_ins_code 
_pdbx_poly_seq_scheme.hetero 
A 1 1  DC  1  1  1  DC  C   A . n 
A 1 2  DG  2  2  2  DG  G   A . n 
A 1 3  DC  3  3  3  DC  C   A . n 
A 1 4  DG  4  4  4  DG  G   A . n 
A 1 5  DA  5  5  5  DA  A   A . n 
A 1 6  AAB 6  6  6  AAB AAB A . n 
A 1 7  DA  7  7  7  DA  A   A . n 
A 1 8  DC  8  8  8  DC  C   A . n 
A 1 9  DG  9  9  9  DG  G   A . n 
A 1 10 DC  10 10 10 DC  C   A . n 
A 1 11 DC  11 11 11 DC  C   A . n 
B 2 1  DG  1  12 12 DG  G   B . n 
B 2 2  DG  2  13 13 DG  G   B . n 
B 2 3  DC  3  14 14 DC  C   B . n 
B 2 4  DG  4  15 15 DG  G   B . n 
B 2 5  DT  5  16 16 DT  T   B . n 
B 2 6  DA  6  17 17 DA  A   B . n 
B 2 7  DT  7  18 18 DT  T   B . n 
B 2 8  DC  8  19 19 DC  C   B . n 
B 2 9  DG  9  20 20 DG  G   B . n 
B 2 10 DC  10 21 21 DC  C   B . n 
B 2 11 DG  11 22 22 DG  G   B . n 
# 
_pdbx_nonpoly_scheme.asym_id         C 
_pdbx_nonpoly_scheme.entity_id       3 
_pdbx_nonpoly_scheme.mon_id          HOH 
_pdbx_nonpoly_scheme.ndb_seq_num     1 
_pdbx_nonpoly_scheme.pdb_seq_num     23 
_pdbx_nonpoly_scheme.auth_seq_num    23 
_pdbx_nonpoly_scheme.pdb_mon_id      HOH 
_pdbx_nonpoly_scheme.auth_mon_id     HOH 
_pdbx_nonpoly_scheme.pdb_strand_id   A 
_pdbx_nonpoly_scheme.pdb_ins_code    . 
# 
loop_
_software.name 
_software.classification 
_software.version 
_software.citation_id 
_software.pdbx_ordinal 
X-PLOR 'model building' 3.1 ? 1 
X-PLOR refinement       3.1 ? 2 
X-PLOR phasing          3.1 ? 3 
# 
_cell.entry_id           1A9J 
_cell.length_a           1.000 
_cell.length_b           1.000 
_cell.length_c           1.000 
_cell.angle_alpha        90.00 
_cell.angle_beta         90.00 
_cell.angle_gamma        90.00 
_cell.Z_PDB              1 
_cell.pdbx_unique_axis   ? 
# 
_symmetry.entry_id                         1A9J 
_symmetry.space_group_name_H-M             'P 1' 
_symmetry.pdbx_full_space_group_name_H-M   ? 
_symmetry.cell_setting                     ? 
_symmetry.Int_Tables_number                1 
# 
_exptl.entry_id          1A9J 
_exptl.method            'SOLUTION NMR' 
_exptl.crystals_number   ? 
# 
_struct.entry_id                  1A9J 
_struct.title                     'APYRIMIDINIC DNA WITH BOUND WATER AT THE DAMAGED SITE, BETA FORM, NMR, 1 STRUCTURE' 
_struct.pdbx_model_details        ? 
_struct.pdbx_CASP_flag            ? 
_struct.pdbx_model_type_details   ? 
# 
_struct_keywords.entry_id        1A9J 
_struct_keywords.pdbx_keywords   DNA 
_struct_keywords.text            'DAMAGED DNA, APYRIMIDINIC DNA, WATER, DNA' 
# 
loop_
_struct_asym.id 
_struct_asym.pdbx_blank_PDB_chainid_flag 
_struct_asym.pdbx_modified 
_struct_asym.entity_id 
_struct_asym.details 
A N N 1 ? 
B N N 2 ? 
C N N 3 ? 
# 
loop_
_struct_ref.id 
_struct_ref.entity_id 
_struct_ref.db_name 
_struct_ref.db_code 
_struct_ref.pdbx_db_accession 
_struct_ref.pdbx_align_begin 
_struct_ref.pdbx_seq_one_letter_code 
_struct_ref.pdbx_db_isoform 
1 1 PDB 1A9J 1A9J ? ? ? 
2 2 PDB 1A9J 1A9J ? ? ? 
# 
loop_
_struct_ref_seq.align_id 
_struct_ref_seq.ref_id 
_struct_ref_seq.pdbx_PDB_id_code 
_struct_ref_seq.pdbx_strand_id 
_struct_ref_seq.seq_align_beg 
_struct_ref_seq.pdbx_seq_align_beg_ins_code 
_struct_ref_seq.seq_align_end 
_struct_ref_seq.pdbx_seq_align_end_ins_code 
_struct_ref_seq.pdbx_db_accession 
_struct_ref_seq.db_align_beg 
_struct_ref_seq.pdbx_db_align_beg_ins_code 
_struct_ref_seq.db_align_end 
_struct_ref_seq.pdbx_db_align_end_ins_code 
_struct_ref_seq.pdbx_auth_seq_align_beg 
_struct_ref_seq.pdbx_auth_seq_align_end 
1 1 1A9J A 1 ? 11 ? 1A9J 1  ? 11 ? 1  11 
2 2 1A9J B 1 ? 11 ? 1A9J 12 ? 22 ? 12 22 
# 
_pdbx_struct_assembly.id                   1 
_pdbx_struct_assembly.details              author_defined_assembly 
_pdbx_struct_assembly.method_details       ? 
_pdbx_struct_assembly.oligomeric_details   dimeric 
_pdbx_struct_assembly.oligomeric_count     2 
# 
_pdbx_struct_assembly_gen.assembly_id       1 
_pdbx_struct_assembly_gen.oper_expression   1 
_pdbx_struct_assembly_gen.asym_id_list      A,B,C 
# 
_pdbx_struct_oper_list.id                   1 
_pdbx_struct_oper_list.type                 'identity operation' 
_pdbx_struct_oper_list.name                 1_555 
_pdbx_struct_oper_list.symmetry_operation   x,y,z 
_pdbx_struct_oper_list.matrix[1][1]         1.0000000000 
_pdbx_struct_oper_list.matrix[1][2]         0.0000000000 
_pdbx_struct_oper_list.matrix[1][3]         0.0000000000 
_pdbx_struct_oper_list.vector[1]            0.0000000000 
_pdbx_struct_oper_list.matrix[2][1]         0.0000000000 
_pdbx_struct_oper_list.matrix[2][2]         1.0000000000 
_pdbx_struct_oper_list.matrix[2][3]         0.0000000000 
_pdbx_struct_oper_list.vector[2]            0.0000000000 
_pdbx_struct_oper_list.matrix[3][1]         0.0000000000 
_pdbx_struct_oper_list.matrix[3][2]         0.0000000000 
_pdbx_struct_oper_list.matrix[3][3]         1.0000000000 
_pdbx_struct_oper_list.vector[3]            0.0000000000 
# 
_struct_biol.id        1 
_struct_biol.details   ? 
# 
loop_
_struct_conn.id 
_struct_conn.conn_type_id 
_struct_conn.pdbx_leaving_atom_flag 
_struct_conn.pdbx_PDB_id 
_struct_conn.ptnr1_label_asym_id 
_struct_conn.ptnr1_label_comp_id 
_struct_conn.ptnr1_label_seq_id 
_struct_conn.ptnr1_label_atom_id 
_struct_conn.pdbx_ptnr1_label_alt_id 
_struct_conn.pdbx_ptnr1_PDB_ins_code 
_struct_conn.pdbx_ptnr1_standard_comp_id 
_struct_conn.ptnr1_symmetry 
_struct_conn.ptnr2_label_asym_id 
_struct_conn.ptnr2_label_comp_id 
_struct_conn.ptnr2_label_seq_id 
_struct_conn.ptnr2_label_atom_id 
_struct_conn.pdbx_ptnr2_label_alt_id 
_struct_conn.pdbx_ptnr2_PDB_ins_code 
_struct_conn.ptnr1_auth_asym_id 
_struct_conn.ptnr1_auth_comp_id 
_struct_conn.ptnr1_auth_seq_id 
_struct_conn.ptnr2_auth_asym_id 
_struct_conn.ptnr2_auth_comp_id 
_struct_conn.ptnr2_auth_seq_id 
_struct_conn.ptnr2_symmetry 
_struct_conn.pdbx_ptnr3_label_atom_id 
_struct_conn.pdbx_ptnr3_label_seq_id 
_struct_conn.pdbx_ptnr3_label_comp_id 
_struct_conn.pdbx_ptnr3_label_asym_id 
_struct_conn.pdbx_ptnr3_label_alt_id 
_struct_conn.pdbx_ptnr3_PDB_ins_code 
_struct_conn.details 
_struct_conn.pdbx_dist_value 
_struct_conn.pdbx_value_order 
_struct_conn.pdbx_role 
covale1  covale one ? A DA  5  "O3'" ? ? ? 1_555 A AAB 6  P  ? ? A DA  5  A AAB 6  1_555 ? ? ? ? ? ? ?            1.561 ? ? 
covale2  covale one ? A AAB 6  "O3'" ? ? ? 1_555 A DA  7  P  ? ? A AAB 6  A DA  7  1_555 ? ? ? ? ? ? ?            1.597 ? ? 
hydrog1  hydrog ?   ? A DC  1  N3    ? ? ? 1_555 B DG  11 N1 ? ? A DC  1  B DG  22 1_555 ? ? ? ? ? ? WATSON-CRICK ?     ? ? 
hydrog2  hydrog ?   ? A DC  1  N4    ? ? ? 1_555 B DG  11 O6 ? ? A DC  1  B DG  22 1_555 ? ? ? ? ? ? WATSON-CRICK ?     ? ? 
hydrog3  hydrog ?   ? A DC  1  O2    ? ? ? 1_555 B DG  11 N2 ? ? A DC  1  B DG  22 1_555 ? ? ? ? ? ? WATSON-CRICK ?     ? ? 
hydrog4  hydrog ?   ? A DG  2  N1    ? ? ? 1_555 B DC  10 N3 ? ? A DG  2  B DC  21 1_555 ? ? ? ? ? ? WATSON-CRICK ?     ? ? 
hydrog5  hydrog ?   ? A DG  2  N2    ? ? ? 1_555 B DC  10 O2 ? ? A DG  2  B DC  21 1_555 ? ? ? ? ? ? WATSON-CRICK ?     ? ? 
hydrog6  hydrog ?   ? A DG  2  O6    ? ? ? 1_555 B DC  10 N4 ? ? A DG  2  B DC  21 1_555 ? ? ? ? ? ? WATSON-CRICK ?     ? ? 
hydrog7  hydrog ?   ? A DC  3  N3    ? ? ? 1_555 B DG  9  N1 ? ? A DC  3  B DG  20 1_555 ? ? ? ? ? ? WATSON-CRICK ?     ? ? 
hydrog8  hydrog ?   ? A DC  3  N4    ? ? ? 1_555 B DG  9  O6 ? ? A DC  3  B DG  20 1_555 ? ? ? ? ? ? WATSON-CRICK ?     ? ? 
hydrog9  hydrog ?   ? A DC  3  O2    ? ? ? 1_555 B DG  9  N2 ? ? A DC  3  B DG  20 1_555 ? ? ? ? ? ? WATSON-CRICK ?     ? ? 
hydrog10 hydrog ?   ? A DG  4  N1    ? ? ? 1_555 B DC  8  N3 ? ? A DG  4  B DC  19 1_555 ? ? ? ? ? ? WATSON-CRICK ?     ? ? 
hydrog11 hydrog ?   ? A DG  4  N2    ? ? ? 1_555 B DC  8  O2 ? ? A DG  4  B DC  19 1_555 ? ? ? ? ? ? WATSON-CRICK ?     ? ? 
hydrog12 hydrog ?   ? A DG  4  O6    ? ? ? 1_555 B DC  8  N4 ? ? A DG  4  B DC  19 1_555 ? ? ? ? ? ? WATSON-CRICK ?     ? ? 
hydrog13 hydrog ?   ? A DA  5  N1    ? ? ? 1_555 B DT  7  N3 ? ? A DA  5  B DT  18 1_555 ? ? ? ? ? ? WATSON-CRICK ?     ? ? 
hydrog14 hydrog ?   ? A DA  5  N6    ? ? ? 1_555 B DT  7  O4 ? ? A DA  5  B DT  18 1_555 ? ? ? ? ? ? WATSON-CRICK ?     ? ? 
hydrog15 hydrog ?   ? A DA  7  N1    ? ? ? 1_555 B DT  5  N3 ? ? A DA  7  B DT  16 1_555 ? ? ? ? ? ? WATSON-CRICK ?     ? ? 
hydrog16 hydrog ?   ? A DA  7  N6    ? ? ? 1_555 B DT  5  O4 ? ? A DA  7  B DT  16 1_555 ? ? ? ? ? ? WATSON-CRICK ?     ? ? 
hydrog17 hydrog ?   ? A DC  8  N3    ? ? ? 1_555 B DG  4  N1 ? ? A DC  8  B DG  15 1_555 ? ? ? ? ? ? WATSON-CRICK ?     ? ? 
hydrog18 hydrog ?   ? A DC  8  N4    ? ? ? 1_555 B DG  4  O6 ? ? A DC  8  B DG  15 1_555 ? ? ? ? ? ? WATSON-CRICK ?     ? ? 
hydrog19 hydrog ?   ? A DC  8  O2    ? ? ? 1_555 B DG  4  N2 ? ? A DC  8  B DG  15 1_555 ? ? ? ? ? ? WATSON-CRICK ?     ? ? 
hydrog20 hydrog ?   ? A DG  9  N1    ? ? ? 1_555 B DC  3  N3 ? ? A DG  9  B DC  14 1_555 ? ? ? ? ? ? WATSON-CRICK ?     ? ? 
hydrog21 hydrog ?   ? A DG  9  N2    ? ? ? 1_555 B DC  3  O2 ? ? A DG  9  B DC  14 1_555 ? ? ? ? ? ? WATSON-CRICK ?     ? ? 
hydrog22 hydrog ?   ? A DG  9  O6    ? ? ? 1_555 B DC  3  N4 ? ? A DG  9  B DC  14 1_555 ? ? ? ? ? ? WATSON-CRICK ?     ? ? 
hydrog23 hydrog ?   ? A DC  10 N3    ? ? ? 1_555 B DG  2  N1 ? ? A DC  10 B DG  13 1_555 ? ? ? ? ? ? WATSON-CRICK ?     ? ? 
hydrog24 hydrog ?   ? A DC  10 N4    ? ? ? 1_555 B DG  2  O6 ? ? A DC  10 B DG  13 1_555 ? ? ? ? ? ? WATSON-CRICK ?     ? ? 
hydrog25 hydrog ?   ? A DC  10 O2    ? ? ? 1_555 B DG  2  N2 ? ? A DC  10 B DG  13 1_555 ? ? ? ? ? ? WATSON-CRICK ?     ? ? 
hydrog26 hydrog ?   ? A DC  11 N3    ? ? ? 1_555 B DG  1  N1 ? ? A DC  11 B DG  12 1_555 ? ? ? ? ? ? WATSON-CRICK ?     ? ? 
hydrog27 hydrog ?   ? A DC  11 N4    ? ? ? 1_555 B DG  1  O6 ? ? A DC  11 B DG  12 1_555 ? ? ? ? ? ? WATSON-CRICK ?     ? ? 
hydrog28 hydrog ?   ? A DC  11 O2    ? ? ? 1_555 B DG  1  N2 ? ? A DC  11 B DG  12 1_555 ? ? ? ? ? ? WATSON-CRICK ?     ? ? 
# 
loop_
_struct_conn_type.id 
_struct_conn_type.criteria 
_struct_conn_type.reference 
covale ? ? 
hydrog ? ? 
# 
_pdbx_validate_close_contact.id               1 
_pdbx_validate_close_contact.PDB_model_num    1 
_pdbx_validate_close_contact.auth_atom_id_1   "O1'" 
_pdbx_validate_close_contact.auth_asym_id_1   A 
_pdbx_validate_close_contact.auth_comp_id_1   AAB 
_pdbx_validate_close_contact.auth_seq_id_1    6 
_pdbx_validate_close_contact.PDB_ins_code_1   ? 
_pdbx_validate_close_contact.label_alt_id_1   ? 
_pdbx_validate_close_contact.auth_atom_id_2   H1 
_pdbx_validate_close_contact.auth_asym_id_2   A 
_pdbx_validate_close_contact.auth_comp_id_2   HOH 
_pdbx_validate_close_contact.auth_seq_id_2    23 
_pdbx_validate_close_contact.PDB_ins_code_2   ? 
_pdbx_validate_close_contact.label_alt_id_2   ? 
_pdbx_validate_close_contact.dist             1.59 
# 
loop_
_pdbx_validate_rmsd_bond.id 
_pdbx_validate_rmsd_bond.PDB_model_num 
_pdbx_validate_rmsd_bond.auth_atom_id_1 
_pdbx_validate_rmsd_bond.auth_asym_id_1 
_pdbx_validate_rmsd_bond.auth_comp_id_1 
_pdbx_validate_rmsd_bond.auth_seq_id_1 
_pdbx_validate_rmsd_bond.PDB_ins_code_1 
_pdbx_validate_rmsd_bond.label_alt_id_1 
_pdbx_validate_rmsd_bond.auth_atom_id_2 
_pdbx_validate_rmsd_bond.auth_asym_id_2 
_pdbx_validate_rmsd_bond.auth_comp_id_2 
_pdbx_validate_rmsd_bond.auth_seq_id_2 
_pdbx_validate_rmsd_bond.PDB_ins_code_2 
_pdbx_validate_rmsd_bond.label_alt_id_2 
_pdbx_validate_rmsd_bond.bond_value 
_pdbx_validate_rmsd_bond.bond_target_value 
_pdbx_validate_rmsd_bond.bond_deviation 
_pdbx_validate_rmsd_bond.bond_standard_deviation 
_pdbx_validate_rmsd_bond.linker_flag 
1  1 "C4'" A DC 1  ? ? "C3'" A DC 1  ? ? 1.441 1.521 -0.080 0.010 N 
2  1 "C3'" A DC 1  ? ? "C2'" A DC 1  ? ? 1.443 1.516 -0.073 0.008 N 
3  1 "O3'" A DC 1  ? ? "C3'" A DC 1  ? ? 1.332 1.419 -0.087 0.006 N 
4  1 C2    A DC 1  ? ? O2    A DC 1  ? ? 1.180 1.240 -0.060 0.009 N 
5  1 N1    A DC 1  ? ? C6    A DC 1  ? ? 1.316 1.367 -0.051 0.006 N 
6  1 N3    A DC 1  ? ? C4    A DC 1  ? ? 1.280 1.335 -0.055 0.007 N 
7  1 "O3'" A DC 1  ? ? P     A DG 2  ? ? 1.495 1.607 -0.112 0.012 Y 
8  1 P     A DG 2  ? ? OP1   A DG 2  ? ? 1.241 1.485 -0.244 0.017 N 
9  1 P     A DG 2  ? ? OP2   A DG 2  ? ? 1.256 1.485 -0.229 0.017 N 
10 1 P     A DG 2  ? ? "O5'" A DG 2  ? ? 1.502 1.593 -0.091 0.010 N 
11 1 P     A DC 8  ? ? OP1   A DC 8  ? ? 1.356 1.485 -0.129 0.017 N 
12 1 P     A DC 8  ? ? OP2   A DC 8  ? ? 1.372 1.485 -0.113 0.017 N 
13 1 P     A DC 8  ? ? "O5'" A DC 8  ? ? 1.518 1.593 -0.075 0.010 N 
14 1 "C3'" A DC 8  ? ? "C2'" A DC 8  ? ? 1.466 1.516 -0.050 0.008 N 
15 1 "O3'" A DC 8  ? ? P     A DG 9  ? ? 1.515 1.607 -0.092 0.012 Y 
16 1 "C3'" B DC 21 ? ? "C2'" B DC 21 ? ? 1.460 1.516 -0.056 0.008 N 
17 1 P     B DG 22 ? ? OP2   B DG 22 ? ? 1.329 1.485 -0.156 0.017 N 
18 1 P     B DG 22 ? ? "O5'" B DG 22 ? ? 1.452 1.593 -0.141 0.010 N 
19 1 "O3'" B DG 22 ? ? "C3'" B DG 22 ? ? 1.377 1.419 -0.042 0.006 N 
20 1 C6    B DG 22 ? ? N1    B DG 22 ? ? 1.345 1.391 -0.046 0.007 N 
# 
loop_
_pdbx_validate_rmsd_angle.id 
_pdbx_validate_rmsd_angle.PDB_model_num 
_pdbx_validate_rmsd_angle.auth_atom_id_1 
_pdbx_validate_rmsd_angle.auth_asym_id_1 
_pdbx_validate_rmsd_angle.auth_comp_id_1 
_pdbx_validate_rmsd_angle.auth_seq_id_1 
_pdbx_validate_rmsd_angle.PDB_ins_code_1 
_pdbx_validate_rmsd_angle.label_alt_id_1 
_pdbx_validate_rmsd_angle.auth_atom_id_2 
_pdbx_validate_rmsd_angle.auth_asym_id_2 
_pdbx_validate_rmsd_angle.auth_comp_id_2 
_pdbx_validate_rmsd_angle.auth_seq_id_2 
_pdbx_validate_rmsd_angle.PDB_ins_code_2 
_pdbx_validate_rmsd_angle.label_alt_id_2 
_pdbx_validate_rmsd_angle.auth_atom_id_3 
_pdbx_validate_rmsd_angle.auth_asym_id_3 
_pdbx_validate_rmsd_angle.auth_comp_id_3 
_pdbx_validate_rmsd_angle.auth_seq_id_3 
_pdbx_validate_rmsd_angle.PDB_ins_code_3 
_pdbx_validate_rmsd_angle.label_alt_id_3 
_pdbx_validate_rmsd_angle.angle_value 
_pdbx_validate_rmsd_angle.angle_target_value 
_pdbx_validate_rmsd_angle.angle_deviation 
_pdbx_validate_rmsd_angle.angle_standard_deviation 
_pdbx_validate_rmsd_angle.linker_flag 
1  1 N3    A DC 1  ? ? C2    A DC 1  ? ? O2    A DC  1  ? ? 117.29 121.90 -4.61 0.70 N 
2  1 "O4'" A DG 2  ? ? "C1'" A DG 2  ? ? "C2'" A DG  2  ? ? 100.10 105.90 -5.80 0.80 N 
3  1 "O4'" A DG 2  ? ? "C1'" A DG 2  ? ? N9    A DG  2  ? ? 112.40 108.30 4.10  0.30 N 
4  1 "C3'" A DC 3  ? ? "O3'" A DC 3  ? ? P     A DG  4  ? ? 126.94 119.70 7.24  1.20 Y 
5  1 "O4'" A DG 4  ? ? "C1'" A DG 4  ? ? N9    A DG  4  ? ? 110.27 108.30 1.97  0.30 N 
6  1 "C3'" A DA 5  ? ? "O3'" A DA 5  ? ? P     A AAB 6  ? ? 127.44 119.70 7.74  1.20 Y 
7  1 "O4'" A DC 8  ? ? "C1'" A DC 8  ? ? N1    A DC  8  ? ? 111.11 108.30 2.81  0.30 N 
8  1 "C3'" A DC 8  ? ? "O3'" A DC 8  ? ? P     A DG  9  ? ? 133.39 119.70 13.69 1.20 Y 
9  1 "O4'" A DG 9  ? ? "C1'" A DG 9  ? ? N9    A DG  9  ? ? 111.55 108.30 3.25  0.30 N 
10 1 "O4'" B DG 12 ? ? "C1'" B DG 12 ? ? N9    B DG  12 ? ? 111.96 108.30 3.66  0.30 N 
11 1 "O4'" B DG 13 ? ? "C1'" B DG 13 ? ? N9    B DG  13 ? ? 112.00 108.30 3.70  0.30 N 
12 1 "C3'" B DG 15 ? ? "O3'" B DG 15 ? ? P     B DT  16 ? ? 128.47 119.70 8.77  1.20 Y 
13 1 "O4'" B DT 16 ? ? "C1'" B DT 16 ? ? N1    B DT  16 ? ? 111.23 108.30 2.93  0.30 N 
14 1 "O4'" B DT 18 ? ? "C1'" B DT 18 ? ? N1    B DT  18 ? ? 111.21 108.30 2.91  0.30 N 
15 1 "C3'" B DT 18 ? ? "O3'" B DT 18 ? ? P     B DC  19 ? ? 126.90 119.70 7.20  1.20 Y 
16 1 "C3'" B DG 20 ? ? "O3'" B DG 20 ? ? P     B DC  21 ? ? 131.32 119.70 11.62 1.20 Y 
17 1 "C4'" B DG 22 ? ? "C3'" B DG 22 ? ? "C2'" B DG  22 ? ? 97.21  102.20 -4.99 0.70 N 
18 1 "O4'" B DG 22 ? ? "C1'" B DG 22 ? ? N9    B DG  22 ? ? 111.59 108.30 3.29  0.30 N 
# 
_pdbx_nmr_ensemble.entry_id                                      1A9J 
_pdbx_nmr_ensemble.conformers_calculated_total_number            100 
_pdbx_nmr_ensemble.conformers_submitted_total_number             1 
_pdbx_nmr_ensemble.conformer_selection_criteria                  
'AVERAGE OF 5 STRUCTURES THAT THE NOESY BACK CALCULATION AGREES WITH EXPERIMENTAL NOESY' 
_pdbx_nmr_ensemble.average_constraints_per_residue               ? 
_pdbx_nmr_ensemble.average_constraint_violations_per_residue     ? 
_pdbx_nmr_ensemble.maximum_distance_constraint_violation         ? 
_pdbx_nmr_ensemble.average_distance_constraint_violation         ? 
_pdbx_nmr_ensemble.maximum_upper_distance_constraint_violation   ? 
_pdbx_nmr_ensemble.maximum_lower_distance_constraint_violation   ? 
_pdbx_nmr_ensemble.distance_constraint_violation_method          ? 
_pdbx_nmr_ensemble.maximum_torsion_angle_constraint_violation    ? 
_pdbx_nmr_ensemble.average_torsion_angle_constraint_violation    ? 
_pdbx_nmr_ensemble.torsion_angle_constraint_violation_method     ? 
# 
_pdbx_nmr_sample_details.solution_id      1 
_pdbx_nmr_sample_details.contents         TRIS 
_pdbx_nmr_sample_details.solvent_system   ? 
# 
_pdbx_nmr_exptl_sample_conditions.conditions_id       1 
_pdbx_nmr_exptl_sample_conditions.temperature         300 
_pdbx_nmr_exptl_sample_conditions.pressure            1 
_pdbx_nmr_exptl_sample_conditions.pH                  7.0 
_pdbx_nmr_exptl_sample_conditions.ionic_strength      '50 mM KCL' 
_pdbx_nmr_exptl_sample_conditions.pressure_units      atm 
_pdbx_nmr_exptl_sample_conditions.temperature_units   K 
# 
loop_
_pdbx_nmr_exptl.experiment_id 
_pdbx_nmr_exptl.conditions_id 
_pdbx_nmr_exptl.type 
_pdbx_nmr_exptl.solution_id 
1 1 NOESY       1 
2 1 PECOSY      1 
3 1 TOCSY       1 
4 1 ROESY       1 
5 1 QUIET-NOESY 1 
# 
_pdbx_nmr_details.entry_id   1A9J 
_pdbx_nmr_details.text       
;100MS NOESY, 250MS NOESY 250MS QUIETNOESY 70MS BAND-SELECTIVE J TOCSY FOR PHOSPHOROUS "J SCALE" SET TO 2 AND 3
;
# 
_pdbx_nmr_refine.entry_id           1A9J 
_pdbx_nmr_refine.method             'matrix relaxation' 
_pdbx_nmr_refine.details            ? 
_pdbx_nmr_refine.software_ordinal   1 
# 
loop_
_pdbx_nmr_software.classification 
_pdbx_nmr_software.name 
_pdbx_nmr_software.version 
_pdbx_nmr_software.authors 
_pdbx_nmr_software.ordinal 
refinement           X-PLOR 3.1 BRUNGER 1 
'structure solution' VNMR   ?   ?       2 
# 
loop_
_chem_comp_atom.comp_id 
_chem_comp_atom.atom_id 
_chem_comp_atom.type_symbol 
_chem_comp_atom.pdbx_aromatic_flag 
_chem_comp_atom.pdbx_stereo_config 
_chem_comp_atom.pdbx_ordinal 
AAB P      P N N 1   
AAB O1P    O N N 2   
AAB O2P    O N N 3   
AAB O3P    O N N 4   
AAB "O5'"  O N N 5   
AAB "C5'"  C N N 6   
AAB "C4'"  C N R 7   
AAB "O4'"  O N N 8   
AAB "C1'"  C N R 9   
AAB "O1'"  O N N 10  
AAB "C2'"  C N N 11  
AAB "C3'"  C N S 12  
AAB "O3'"  O N N 13  
AAB H1P    H N N 14  
AAB H3P    H N N 15  
AAB "H5'1" H N N 16  
AAB "H5'2" H N N 17  
AAB "H4'"  H N N 18  
AAB "H1'"  H N N 19  
AAB "HO1'" H N N 20  
AAB "H2'1" H N N 21  
AAB "H2'2" H N N 22  
AAB "H3'"  H N N 23  
AAB "HO3'" H N N 24  
DA  OP3    O N N 25  
DA  P      P N N 26  
DA  OP1    O N N 27  
DA  OP2    O N N 28  
DA  "O5'"  O N N 29  
DA  "C5'"  C N N 30  
DA  "C4'"  C N R 31  
DA  "O4'"  O N N 32  
DA  "C3'"  C N S 33  
DA  "O3'"  O N N 34  
DA  "C2'"  C N N 35  
DA  "C1'"  C N R 36  
DA  N9     N Y N 37  
DA  C8     C Y N 38  
DA  N7     N Y N 39  
DA  C5     C Y N 40  
DA  C6     C Y N 41  
DA  N6     N N N 42  
DA  N1     N Y N 43  
DA  C2     C Y N 44  
DA  N3     N Y N 45  
DA  C4     C Y N 46  
DA  HOP3   H N N 47  
DA  HOP2   H N N 48  
DA  "H5'"  H N N 49  
DA  "H5''" H N N 50  
DA  "H4'"  H N N 51  
DA  "H3'"  H N N 52  
DA  "HO3'" H N N 53  
DA  "H2'"  H N N 54  
DA  "H2''" H N N 55  
DA  "H1'"  H N N 56  
DA  H8     H N N 57  
DA  H61    H N N 58  
DA  H62    H N N 59  
DA  H2     H N N 60  
DC  OP3    O N N 61  
DC  P      P N N 62  
DC  OP1    O N N 63  
DC  OP2    O N N 64  
DC  "O5'"  O N N 65  
DC  "C5'"  C N N 66  
DC  "C4'"  C N R 67  
DC  "O4'"  O N N 68  
DC  "C3'"  C N S 69  
DC  "O3'"  O N N 70  
DC  "C2'"  C N N 71  
DC  "C1'"  C N R 72  
DC  N1     N N N 73  
DC  C2     C N N 74  
DC  O2     O N N 75  
DC  N3     N N N 76  
DC  C4     C N N 77  
DC  N4     N N N 78  
DC  C5     C N N 79  
DC  C6     C N N 80  
DC  HOP3   H N N 81  
DC  HOP2   H N N 82  
DC  "H5'"  H N N 83  
DC  "H5''" H N N 84  
DC  "H4'"  H N N 85  
DC  "H3'"  H N N 86  
DC  "HO3'" H N N 87  
DC  "H2'"  H N N 88  
DC  "H2''" H N N 89  
DC  "H1'"  H N N 90  
DC  H41    H N N 91  
DC  H42    H N N 92  
DC  H5     H N N 93  
DC  H6     H N N 94  
DG  OP3    O N N 95  
DG  P      P N N 96  
DG  OP1    O N N 97  
DG  OP2    O N N 98  
DG  "O5'"  O N N 99  
DG  "C5'"  C N N 100 
DG  "C4'"  C N R 101 
DG  "O4'"  O N N 102 
DG  "C3'"  C N S 103 
DG  "O3'"  O N N 104 
DG  "C2'"  C N N 105 
DG  "C1'"  C N R 106 
DG  N9     N Y N 107 
DG  C8     C Y N 108 
DG  N7     N Y N 109 
DG  C5     C Y N 110 
DG  C6     C N N 111 
DG  O6     O N N 112 
DG  N1     N N N 113 
DG  C2     C N N 114 
DG  N2     N N N 115 
DG  N3     N N N 116 
DG  C4     C Y N 117 
DG  HOP3   H N N 118 
DG  HOP2   H N N 119 
DG  "H5'"  H N N 120 
DG  "H5''" H N N 121 
DG  "H4'"  H N N 122 
DG  "H3'"  H N N 123 
DG  "HO3'" H N N 124 
DG  "H2'"  H N N 125 
DG  "H2''" H N N 126 
DG  "H1'"  H N N 127 
DG  H8     H N N 128 
DG  H1     H N N 129 
DG  H21    H N N 130 
DG  H22    H N N 131 
DT  OP3    O N N 132 
DT  P      P N N 133 
DT  OP1    O N N 134 
DT  OP2    O N N 135 
DT  "O5'"  O N N 136 
DT  "C5'"  C N N 137 
DT  "C4'"  C N R 138 
DT  "O4'"  O N N 139 
DT  "C3'"  C N S 140 
DT  "O3'"  O N N 141 
DT  "C2'"  C N N 142 
DT  "C1'"  C N R 143 
DT  N1     N N N 144 
DT  C2     C N N 145 
DT  O2     O N N 146 
DT  N3     N N N 147 
DT  C4     C N N 148 
DT  O4     O N N 149 
DT  C5     C N N 150 
DT  C7     C N N 151 
DT  C6     C N N 152 
DT  HOP3   H N N 153 
DT  HOP2   H N N 154 
DT  "H5'"  H N N 155 
DT  "H5''" H N N 156 
DT  "H4'"  H N N 157 
DT  "H3'"  H N N 158 
DT  "HO3'" H N N 159 
DT  "H2'"  H N N 160 
DT  "H2''" H N N 161 
DT  "H1'"  H N N 162 
DT  H3     H N N 163 
DT  H71    H N N 164 
DT  H72    H N N 165 
DT  H73    H N N 166 
DT  H6     H N N 167 
HOH O      O N N 168 
HOH H1     H N N 169 
HOH H2     H N N 170 
# 
loop_
_chem_comp_bond.comp_id 
_chem_comp_bond.atom_id_1 
_chem_comp_bond.atom_id_2 
_chem_comp_bond.value_order 
_chem_comp_bond.pdbx_aromatic_flag 
_chem_comp_bond.pdbx_stereo_config 
_chem_comp_bond.pdbx_ordinal 
AAB P     O1P    sing N N 1   
AAB P     O2P    doub N N 2   
AAB P     O3P    sing N N 3   
AAB P     "O5'"  sing N N 4   
AAB O1P   H1P    sing N N 5   
AAB O3P   H3P    sing N N 6   
AAB "O5'" "C5'"  sing N N 7   
AAB "C5'" "C4'"  sing N N 8   
AAB "C5'" "H5'1" sing N N 9   
AAB "C5'" "H5'2" sing N N 10  
AAB "C4'" "O4'"  sing N N 11  
AAB "C4'" "C3'"  sing N N 12  
AAB "C4'" "H4'"  sing N N 13  
AAB "O4'" "C1'"  sing N N 14  
AAB "C1'" "O1'"  sing N N 15  
AAB "C1'" "C2'"  sing N N 16  
AAB "C1'" "H1'"  sing N N 17  
AAB "O1'" "HO1'" sing N N 18  
AAB "C2'" "C3'"  sing N N 19  
AAB "C2'" "H2'1" sing N N 20  
AAB "C2'" "H2'2" sing N N 21  
AAB "C3'" "O3'"  sing N N 22  
AAB "C3'" "H3'"  sing N N 23  
AAB "O3'" "HO3'" sing N N 24  
DA  OP3   P      sing N N 25  
DA  OP3   HOP3   sing N N 26  
DA  P     OP1    doub N N 27  
DA  P     OP2    sing N N 28  
DA  P     "O5'"  sing N N 29  
DA  OP2   HOP2   sing N N 30  
DA  "O5'" "C5'"  sing N N 31  
DA  "C5'" "C4'"  sing N N 32  
DA  "C5'" "H5'"  sing N N 33  
DA  "C5'" "H5''" sing N N 34  
DA  "C4'" "O4'"  sing N N 35  
DA  "C4'" "C3'"  sing N N 36  
DA  "C4'" "H4'"  sing N N 37  
DA  "O4'" "C1'"  sing N N 38  
DA  "C3'" "O3'"  sing N N 39  
DA  "C3'" "C2'"  sing N N 40  
DA  "C3'" "H3'"  sing N N 41  
DA  "O3'" "HO3'" sing N N 42  
DA  "C2'" "C1'"  sing N N 43  
DA  "C2'" "H2'"  sing N N 44  
DA  "C2'" "H2''" sing N N 45  
DA  "C1'" N9     sing N N 46  
DA  "C1'" "H1'"  sing N N 47  
DA  N9    C8     sing Y N 48  
DA  N9    C4     sing Y N 49  
DA  C8    N7     doub Y N 50  
DA  C8    H8     sing N N 51  
DA  N7    C5     sing Y N 52  
DA  C5    C6     sing Y N 53  
DA  C5    C4     doub Y N 54  
DA  C6    N6     sing N N 55  
DA  C6    N1     doub Y N 56  
DA  N6    H61    sing N N 57  
DA  N6    H62    sing N N 58  
DA  N1    C2     sing Y N 59  
DA  C2    N3     doub Y N 60  
DA  C2    H2     sing N N 61  
DA  N3    C4     sing Y N 62  
DC  OP3   P      sing N N 63  
DC  OP3   HOP3   sing N N 64  
DC  P     OP1    doub N N 65  
DC  P     OP2    sing N N 66  
DC  P     "O5'"  sing N N 67  
DC  OP2   HOP2   sing N N 68  
DC  "O5'" "C5'"  sing N N 69  
DC  "C5'" "C4'"  sing N N 70  
DC  "C5'" "H5'"  sing N N 71  
DC  "C5'" "H5''" sing N N 72  
DC  "C4'" "O4'"  sing N N 73  
DC  "C4'" "C3'"  sing N N 74  
DC  "C4'" "H4'"  sing N N 75  
DC  "O4'" "C1'"  sing N N 76  
DC  "C3'" "O3'"  sing N N 77  
DC  "C3'" "C2'"  sing N N 78  
DC  "C3'" "H3'"  sing N N 79  
DC  "O3'" "HO3'" sing N N 80  
DC  "C2'" "C1'"  sing N N 81  
DC  "C2'" "H2'"  sing N N 82  
DC  "C2'" "H2''" sing N N 83  
DC  "C1'" N1     sing N N 84  
DC  "C1'" "H1'"  sing N N 85  
DC  N1    C2     sing N N 86  
DC  N1    C6     sing N N 87  
DC  C2    O2     doub N N 88  
DC  C2    N3     sing N N 89  
DC  N3    C4     doub N N 90  
DC  C4    N4     sing N N 91  
DC  C4    C5     sing N N 92  
DC  N4    H41    sing N N 93  
DC  N4    H42    sing N N 94  
DC  C5    C6     doub N N 95  
DC  C5    H5     sing N N 96  
DC  C6    H6     sing N N 97  
DG  OP3   P      sing N N 98  
DG  OP3   HOP3   sing N N 99  
DG  P     OP1    doub N N 100 
DG  P     OP2    sing N N 101 
DG  P     "O5'"  sing N N 102 
DG  OP2   HOP2   sing N N 103 
DG  "O5'" "C5'"  sing N N 104 
DG  "C5'" "C4'"  sing N N 105 
DG  "C5'" "H5'"  sing N N 106 
DG  "C5'" "H5''" sing N N 107 
DG  "C4'" "O4'"  sing N N 108 
DG  "C4'" "C3'"  sing N N 109 
DG  "C4'" "H4'"  sing N N 110 
DG  "O4'" "C1'"  sing N N 111 
DG  "C3'" "O3'"  sing N N 112 
DG  "C3'" "C2'"  sing N N 113 
DG  "C3'" "H3'"  sing N N 114 
DG  "O3'" "HO3'" sing N N 115 
DG  "C2'" "C1'"  sing N N 116 
DG  "C2'" "H2'"  sing N N 117 
DG  "C2'" "H2''" sing N N 118 
DG  "C1'" N9     sing N N 119 
DG  "C1'" "H1'"  sing N N 120 
DG  N9    C8     sing Y N 121 
DG  N9    C4     sing Y N 122 
DG  C8    N7     doub Y N 123 
DG  C8    H8     sing N N 124 
DG  N7    C5     sing Y N 125 
DG  C5    C6     sing N N 126 
DG  C5    C4     doub Y N 127 
DG  C6    O6     doub N N 128 
DG  C6    N1     sing N N 129 
DG  N1    C2     sing N N 130 
DG  N1    H1     sing N N 131 
DG  C2    N2     sing N N 132 
DG  C2    N3     doub N N 133 
DG  N2    H21    sing N N 134 
DG  N2    H22    sing N N 135 
DG  N3    C4     sing N N 136 
DT  OP3   P      sing N N 137 
DT  OP3   HOP3   sing N N 138 
DT  P     OP1    doub N N 139 
DT  P     OP2    sing N N 140 
DT  P     "O5'"  sing N N 141 
DT  OP2   HOP2   sing N N 142 
DT  "O5'" "C5'"  sing N N 143 
DT  "C5'" "C4'"  sing N N 144 
DT  "C5'" "H5'"  sing N N 145 
DT  "C5'" "H5''" sing N N 146 
DT  "C4'" "O4'"  sing N N 147 
DT  "C4'" "C3'"  sing N N 148 
DT  "C4'" "H4'"  sing N N 149 
DT  "O4'" "C1'"  sing N N 150 
DT  "C3'" "O3'"  sing N N 151 
DT  "C3'" "C2'"  sing N N 152 
DT  "C3'" "H3'"  sing N N 153 
DT  "O3'" "HO3'" sing N N 154 
DT  "C2'" "C1'"  sing N N 155 
DT  "C2'" "H2'"  sing N N 156 
DT  "C2'" "H2''" sing N N 157 
DT  "C1'" N1     sing N N 158 
DT  "C1'" "H1'"  sing N N 159 
DT  N1    C2     sing N N 160 
DT  N1    C6     sing N N 161 
DT  C2    O2     doub N N 162 
DT  C2    N3     sing N N 163 
DT  N3    C4     sing N N 164 
DT  N3    H3     sing N N 165 
DT  C4    O4     doub N N 166 
DT  C4    C5     sing N N 167 
DT  C5    C7     sing N N 168 
DT  C5    C6     doub N N 169 
DT  C7    H71    sing N N 170 
DT  C7    H72    sing N N 171 
DT  C7    H73    sing N N 172 
DT  C6    H6     sing N N 173 
HOH O     H1     sing N N 174 
HOH O     H2     sing N N 175 
# 
loop_
_ndb_struct_conf_na.entry_id 
_ndb_struct_conf_na.feature 
1A9J 'double helix'         
1A9J 'b-form double helix'  
1A9J 'mismatched base pair' 
# 
loop_
_ndb_struct_na_base_pair.model_number 
_ndb_struct_na_base_pair.i_label_asym_id 
_ndb_struct_na_base_pair.i_label_comp_id 
_ndb_struct_na_base_pair.i_label_seq_id 
_ndb_struct_na_base_pair.i_symmetry 
_ndb_struct_na_base_pair.j_label_asym_id 
_ndb_struct_na_base_pair.j_label_comp_id 
_ndb_struct_na_base_pair.j_label_seq_id 
_ndb_struct_na_base_pair.j_symmetry 
_ndb_struct_na_base_pair.shear 
_ndb_struct_na_base_pair.stretch 
_ndb_struct_na_base_pair.stagger 
_ndb_struct_na_base_pair.buckle 
_ndb_struct_na_base_pair.propeller 
_ndb_struct_na_base_pair.opening 
_ndb_struct_na_base_pair.pair_number 
_ndb_struct_na_base_pair.pair_name 
_ndb_struct_na_base_pair.i_auth_asym_id 
_ndb_struct_na_base_pair.i_auth_seq_id 
_ndb_struct_na_base_pair.i_PDB_ins_code 
_ndb_struct_na_base_pair.j_auth_asym_id 
_ndb_struct_na_base_pair.j_auth_seq_id 
_ndb_struct_na_base_pair.j_PDB_ins_code 
_ndb_struct_na_base_pair.hbond_type_28 
_ndb_struct_na_base_pair.hbond_type_12 
1 A DC 1  1_555 B DG 11 1_555 0.656  -0.340 0.293  -4.550  -6.800  1.380  1  A_DC1:DG22_B  A 1  ? B 22 ? 19 1 
1 A DG 2  1_555 B DC 10 1_555 -0.575 -0.396 -0.003 -2.412  -1.357  -1.676 2  A_DG2:DC21_B  A 2  ? B 21 ? 19 1 
1 A DC 3  1_555 B DG 9  1_555 0.530  -0.377 0.508  -10.122 -2.231  0.613  3  A_DC3:DG20_B  A 3  ? B 20 ? 19 1 
1 A DG 4  1_555 B DC 8  1_555 -0.488 -0.306 0.141  7.739   -2.184  -0.357 4  A_DG4:DC19_B  A 4  ? B 19 ? 19 1 
1 A DA 5  1_555 B DT 7  1_555 0.050  -0.204 -0.084 1.680   -18.341 -5.544 5  A_DA5:DT18_B  A 5  ? B 18 ? 20 1 
1 A DA 7  1_555 B DT 5  1_555 0.132  -0.200 0.283  8.371   -21.806 -7.168 6  A_DA7:DT16_B  A 7  ? B 16 ? 20 1 
1 A DC 8  1_555 B DG 4  1_555 0.575  -0.312 0.001  9.592   -1.698  -1.028 7  A_DC8:DG15_B  A 8  ? B 15 ? 19 1 
1 A DG 9  1_555 B DC 3  1_555 -0.562 -0.366 0.266  8.141   -4.529  -0.779 8  A_DG9:DC14_B  A 9  ? B 14 ? 19 1 
1 A DC 10 1_555 B DG 2  1_555 0.580  -0.371 0.238  2.561   -8.335  0.170  9  A_DC10:DG13_B A 10 ? B 13 ? 19 1 
1 A DC 11 1_555 B DG 1  1_555 0.523  -0.346 0.171  4.417   -1.399  -0.649 10 A_DC11:DG12_B A 11 ? B 12 ? 19 1 
# 
loop_
_ndb_struct_na_base_pair_step.model_number 
_ndb_struct_na_base_pair_step.i_label_asym_id_1 
_ndb_struct_na_base_pair_step.i_label_comp_id_1 
_ndb_struct_na_base_pair_step.i_label_seq_id_1 
_ndb_struct_na_base_pair_step.i_symmetry_1 
_ndb_struct_na_base_pair_step.j_label_asym_id_1 
_ndb_struct_na_base_pair_step.j_label_comp_id_1 
_ndb_struct_na_base_pair_step.j_label_seq_id_1 
_ndb_struct_na_base_pair_step.j_symmetry_1 
_ndb_struct_na_base_pair_step.i_label_asym_id_2 
_ndb_struct_na_base_pair_step.i_label_comp_id_2 
_ndb_struct_na_base_pair_step.i_label_seq_id_2 
_ndb_struct_na_base_pair_step.i_symmetry_2 
_ndb_struct_na_base_pair_step.j_label_asym_id_2 
_ndb_struct_na_base_pair_step.j_label_comp_id_2 
_ndb_struct_na_base_pair_step.j_label_seq_id_2 
_ndb_struct_na_base_pair_step.j_symmetry_2 
_ndb_struct_na_base_pair_step.shift 
_ndb_struct_na_base_pair_step.slide 
_ndb_struct_na_base_pair_step.rise 
_ndb_struct_na_base_pair_step.tilt 
_ndb_struct_na_base_pair_step.roll 
_ndb_struct_na_base_pair_step.twist 
_ndb_struct_na_base_pair_step.x_displacement 
_ndb_struct_na_base_pair_step.y_displacement 
_ndb_struct_na_base_pair_step.helical_rise 
_ndb_struct_na_base_pair_step.inclination 
_ndb_struct_na_base_pair_step.tip 
_ndb_struct_na_base_pair_step.helical_twist 
_ndb_struct_na_base_pair_step.step_number 
_ndb_struct_na_base_pair_step.step_name 
_ndb_struct_na_base_pair_step.i_auth_asym_id_1 
_ndb_struct_na_base_pair_step.i_auth_seq_id_1 
_ndb_struct_na_base_pair_step.i_PDB_ins_code_1 
_ndb_struct_na_base_pair_step.j_auth_asym_id_1 
_ndb_struct_na_base_pair_step.j_auth_seq_id_1 
_ndb_struct_na_base_pair_step.j_PDB_ins_code_1 
_ndb_struct_na_base_pair_step.i_auth_asym_id_2 
_ndb_struct_na_base_pair_step.i_auth_seq_id_2 
_ndb_struct_na_base_pair_step.i_PDB_ins_code_2 
_ndb_struct_na_base_pair_step.j_auth_asym_id_2 
_ndb_struct_na_base_pair_step.j_auth_seq_id_2 
_ndb_struct_na_base_pair_step.j_PDB_ins_code_2 
1 A DC 1  1_555 B DG 11 1_555 A DG 2  1_555 B DC 10 1_555 -0.082 -1.356 2.886 1.641  11.516 25.811 -4.908 0.472  2.091 24.271 
-3.459 28.270 1 AA_DC1DG2:DC21DG22_BB   A 1  ? B 22 ? A 2  ? B 21 ? 
1 A DG 2  1_555 B DC 10 1_555 A DC 3  1_555 B DG 9  1_555 0.007  -0.900 3.448 -2.946 -2.090 46.012 -0.959 -0.276 3.476 -2.668 
3.762  46.146 2 AA_DG2DC3:DG20DC21_BB   A 2  ? B 21 ? A 3  ? B 20 ? 
1 A DC 3  1_555 B DG 9  1_555 A DG 4  1_555 B DC 8  1_555 0.157  -0.493 2.700 3.719  -0.045 29.306 -0.959 0.346  2.699 -0.088 
-7.314 29.536 3 AA_DC3DG4:DC19DG20_BB   A 3  ? B 20 ? A 4  ? B 19 ? 
1 A DG 4  1_555 B DC 8  1_555 A DA 5  1_555 B DT 7  1_555 -0.751 0.471  3.371 0.257  -0.626 48.917 0.617  0.927  3.361 -0.756 
-0.311 48.922 4 AA_DG4DA5:DT18DC19_BB   A 4  ? B 19 ? A 5  ? B 18 ? 
1 A DA 5  1_555 B DT 7  1_555 A DA 7  1_555 B DT 5  1_555 -0.080 1.171  5.920 -7.698 5.087  83.138 0.656  -0.276 5.961 3.823  
5.785  83.556 5 AA_DA5DA7:DT16DT18_BB   A 5  ? B 18 ? A 7  ? B 16 ? 
1 A DA 7  1_555 B DT 5  1_555 A DC 8  1_555 B DG 4  1_555 1.133  -0.108 3.341 1.918  -4.877 39.792 0.416  -1.425 3.379 -7.127 
-2.803 40.122 6 AA_DA7DC8:DG15DT16_BB   A 7  ? B 16 ? A 8  ? B 15 ? 
1 A DC 8  1_555 B DG 4  1_555 A DG 9  1_555 B DC 3  1_555 0.243  -1.427 3.445 -1.171 -5.120 31.257 -1.589 -0.680 3.616 -9.418 
2.154  31.684 7 AA_DC8DG9:DC14DG15_BB   A 8  ? B 15 ? A 9  ? B 14 ? 
1 A DG 9  1_555 B DC 3  1_555 A DC 10 1_555 B DG 2  1_555 -0.028 -0.606 3.282 -0.105 -5.016 49.723 -0.349 0.026  3.325 -5.948 
0.124  49.959 8 AA_DG9DC10:DG13DC14_BB  A 9  ? B 14 ? A 10 ? B 13 ? 
1 A DC 10 1_555 B DG 2  1_555 A DC 11 1_555 B DG 1  1_555 -0.110 -1.060 3.189 -1.230 -3.106 37.474 -1.245 0.012  3.265 -4.823 
1.910  37.617 9 AA_DC10DC11:DG12DG13_BB A 10 ? B 13 ? A 11 ? B 12 ? 
# 
loop_
_pdbx_nmr_spectrometer.spectrometer_id 
_pdbx_nmr_spectrometer.model 
_pdbx_nmr_spectrometer.manufacturer 
_pdbx_nmr_spectrometer.field_strength 
_pdbx_nmr_spectrometer.type 
1 UNITY Varian 400 ? 
2 INOVA Varian 500 ? 
# 
_atom_sites.entry_id                    1A9J 
_atom_sites.fract_transf_matrix[1][1]   1.000000 
_atom_sites.fract_transf_matrix[1][2]   0.000000 
_atom_sites.fract_transf_matrix[1][3]   0.000000 
_atom_sites.fract_transf_matrix[2][1]   0.000000 
_atom_sites.fract_transf_matrix[2][2]   1.000000 
_atom_sites.fract_transf_matrix[2][3]   0.000000 
_atom_sites.fract_transf_matrix[3][1]   0.000000 
_atom_sites.fract_transf_matrix[3][2]   0.000000 
_atom_sites.fract_transf_matrix[3][3]   1.000000 
_atom_sites.fract_transf_vector[1]      0.00000 
_atom_sites.fract_transf_vector[2]      0.00000 
_atom_sites.fract_transf_vector[3]      0.00000 
# 
loop_
_atom_type.symbol 
C 
H 
N 
O 
P 
# 
loop_
_atom_site.group_PDB 
_atom_site.id 
_atom_site.type_symbol 
_atom_site.label_atom_id 
_atom_site.label_alt_id 
_atom_site.label_comp_id 
_atom_site.label_asym_id 
_atom_site.label_entity_id 
_atom_site.label_seq_id 
_atom_site.pdbx_PDB_ins_code 
_atom_site.Cartn_x 
_atom_site.Cartn_y 
_atom_site.Cartn_z 
_atom_site.occupancy 
_atom_site.B_iso_or_equiv 
_atom_site.pdbx_formal_charge 
_atom_site.auth_seq_id 
_atom_site.auth_comp_id 
_atom_site.auth_asym_id 
_atom_site.auth_atom_id 
_atom_site.pdbx_PDB_model_num 
ATOM   1   O "O5'"  . DC  A 1 1  ? -15.594 0.811   -15.107 1.00 0.00 ? 1  DC  A "O5'"  1 
ATOM   2   C "C5'"  . DC  A 1 1  ? -14.443 0.012   -15.229 1.00 0.00 ? 1  DC  A "C5'"  1 
ATOM   3   C "C4'"  . DC  A 1 1  ? -14.480 -1.175  -14.398 1.00 0.00 ? 1  DC  A "C4'"  1 
ATOM   4   O "O4'"  . DC  A 1 1  ? -13.343 -2.009  -14.508 1.00 0.00 ? 1  DC  A "O4'"  1 
ATOM   5   C "C3'"  . DC  A 1 1  ? -14.643 -0.829  -13.009 1.00 0.00 ? 1  DC  A "C3'"  1 
ATOM   6   O "O3'"  . DC  A 1 1  ? -15.440 -1.741  -12.454 1.00 0.00 ? 1  DC  A "O3'"  1 
ATOM   7   C "C2'"  . DC  A 1 1  ? -13.271 -0.932  -12.572 1.00 0.00 ? 1  DC  A "C2'"  1 
ATOM   8   C "C1'"  . DC  A 1 1  ? -12.729 -2.118  -13.273 1.00 0.00 ? 1  DC  A "C1'"  1 
ATOM   9   N N1     . DC  A 1 1  ? -11.301 -2.215  -13.478 1.00 0.00 ? 1  DC  A N1     1 
ATOM   10  C C2     . DC  A 1 1  ? -10.635 -3.339  -13.036 1.00 0.00 ? 1  DC  A C2     1 
ATOM   11  O O2     . DC  A 1 1  ? -11.189 -4.211  -12.466 1.00 0.00 ? 1  DC  A O2     1 
ATOM   12  N N3     . DC  A 1 1  ? -9.339  -3.474  -13.234 1.00 0.00 ? 1  DC  A N3     1 
ATOM   13  C C4     . DC  A 1 1  ? -8.703  -2.548  -13.847 1.00 0.00 ? 1  DC  A C4     1 
ATOM   14  N N4     . DC  A 1 1  ? -7.432  -2.749  -14.020 1.00 0.00 ? 1  DC  A N4     1 
ATOM   15  C C5     . DC  A 1 1  ? -9.363  -1.377  -14.310 1.00 0.00 ? 1  DC  A C5     1 
ATOM   16  C C6     . DC  A 1 1  ? -10.658 -1.254  -14.106 1.00 0.00 ? 1  DC  A C6     1 
ATOM   17  H "H5'"  . DC  A 1 1  ? -13.641 0.577   -14.970 1.00 0.00 ? 1  DC  A "H5'"  1 
ATOM   18  H "H5''" . DC  A 1 1  ? -14.315 -0.320  -16.199 1.00 0.00 ? 1  DC  A "H5''" 1 
ATOM   19  H "H4'"  . DC  A 1 1  ? -15.282 -1.720  -14.677 1.00 0.00 ? 1  DC  A "H4'"  1 
ATOM   20  H "H3'"  . DC  A 1 1  ? -15.080 0.130   -12.891 1.00 0.00 ? 1  DC  A "H3'"  1 
ATOM   21  H "H2'"  . DC  A 1 1  ? -12.817 -0.060  -12.898 1.00 0.00 ? 1  DC  A "H2'"  1 
ATOM   22  H "H2''" . DC  A 1 1  ? -13.181 -1.025  -11.556 1.00 0.00 ? 1  DC  A "H2''" 1 
ATOM   23  H "H1'"  . DC  A 1 1  ? -13.026 -2.976  -12.744 1.00 0.00 ? 1  DC  A "H1'"  1 
ATOM   24  H H41    . DC  A 1 1  ? -7.033  -3.628  -13.730 1.00 0.00 ? 1  DC  A H41    1 
ATOM   25  H H42    . DC  A 1 1  ? -6.878  -2.061  -14.434 1.00 0.00 ? 1  DC  A H42    1 
ATOM   26  H H5     . DC  A 1 1  ? -8.841  -0.620  -14.808 1.00 0.00 ? 1  DC  A H5     1 
ATOM   27  H H6     . DC  A 1 1  ? -11.189 -0.377  -14.449 1.00 0.00 ? 1  DC  A H6     1 
ATOM   28  H "HO5'" . DC  A 1 1  ? -16.111 0.403   -14.697 1.00 0.00 ? 1  DC  A "HO5'" 1 
ATOM   29  P P      . DG  A 1 2  ? -15.969 -1.661  -11.058 1.00 0.00 ? 2  DG  A P      1 
ATOM   30  O OP1    . DG  A 1 2  ? -17.128 -2.105  -11.049 1.00 0.00 ? 2  DG  A OP1    1 
ATOM   31  O OP2    . DG  A 1 2  ? -15.761 -0.480  -10.682 1.00 0.00 ? 2  DG  A OP2    1 
ATOM   32  O "O5'"  . DG  A 1 2  ? -15.178 -2.601  -10.195 1.00 0.00 ? 2  DG  A "O5'"  1 
ATOM   33  C "C5'"  . DG  A 1 2  ? -14.710 -2.272  -8.951  1.00 0.00 ? 2  DG  A "C5'"  1 
ATOM   34  C "C4'"  . DG  A 1 2  ? -13.848 -3.351  -8.349  1.00 0.00 ? 2  DG  A "C4'"  1 
ATOM   35  O "O4'"  . DG  A 1 2  ? -12.727 -3.670  -9.149  1.00 0.00 ? 2  DG  A "O4'"  1 
ATOM   36  C "C3'"  . DG  A 1 2  ? -13.308 -2.923  -7.025  1.00 0.00 ? 2  DG  A "C3'"  1 
ATOM   37  O "O3'"  . DG  A 1 2  ? -13.317 -4.006  -6.095  1.00 0.00 ? 2  DG  A "O3'"  1 
ATOM   38  C "C2'"  . DG  A 1 2  ? -11.959 -2.515  -7.453  1.00 0.00 ? 2  DG  A "C2'"  1 
ATOM   39  C "C1'"  . DG  A 1 2  ? -11.583 -3.602  -8.376  1.00 0.00 ? 2  DG  A "C1'"  1 
ATOM   40  N N9     . DG  A 1 2  ? -10.410 -3.297  -9.155  1.00 0.00 ? 2  DG  A N9     1 
ATOM   41  C C8     . DG  A 1 2  ? -10.209 -2.261  -9.992  1.00 0.00 ? 2  DG  A C8     1 
ATOM   42  N N7     . DG  A 1 2  ? -9.069  -2.264  -10.553 1.00 0.00 ? 2  DG  A N7     1 
ATOM   43  C C5     . DG  A 1 2  ? -8.468  -3.393  -10.041 1.00 0.00 ? 2  DG  A C5     1 
ATOM   44  C C6     . DG  A 1 2  ? -7.210  -3.929  -10.279 1.00 0.00 ? 2  DG  A C6     1 
ATOM   45  O O6     . DG  A 1 2  ? -6.345  -3.521  -10.998 1.00 0.00 ? 2  DG  A O6     1 
ATOM   46  N N1     . DG  A 1 2  ? -6.985  -5.074  -9.570  1.00 0.00 ? 2  DG  A N1     1 
ATOM   47  C C2     . DG  A 1 2  ? -7.858  -5.649  -8.726  1.00 0.00 ? 2  DG  A C2     1 
ATOM   48  N N2     . DG  A 1 2  ? -7.484  -6.738  -8.099  1.00 0.00 ? 2  DG  A N2     1 
ATOM   49  N N3     . DG  A 1 2  ? -9.042  -5.159  -8.495  1.00 0.00 ? 2  DG  A N3     1 
ATOM   50  C C4     . DG  A 1 2  ? -9.282  -4.033  -9.185  1.00 0.00 ? 2  DG  A C4     1 
ATOM   51  H "H5'"  . DG  A 1 2  ? -15.532 -2.121  -8.312  1.00 0.00 ? 2  DG  A "H5'"  1 
ATOM   52  H "H5''" . DG  A 1 2  ? -14.165 -1.361  -9.027  1.00 0.00 ? 2  DG  A "H5''" 1 
ATOM   53  H "H4'"  . DG  A 1 2  ? -14.428 -4.246  -8.189  1.00 0.00 ? 2  DG  A "H4'"  1 
ATOM   54  H "H3'"  . DG  A 1 2  ? -13.866 -2.112  -6.617  1.00 0.00 ? 2  DG  A "H3'"  1 
ATOM   55  H "H2'"  . DG  A 1 2  ? -12.020 -1.584  -8.000  1.00 0.00 ? 2  DG  A "H2'"  1 
ATOM   56  H "H2''" . DG  A 1 2  ? -11.290 -2.385  -6.645  1.00 0.00 ? 2  DG  A "H2''" 1 
ATOM   57  H "H1'"  . DG  A 1 2  ? -11.477 -4.531  -7.843  1.00 0.00 ? 2  DG  A "H1'"  1 
ATOM   58  H H8     . DG  A 1 2  ? -10.947 -1.498  -10.165 1.00 0.00 ? 2  DG  A H8     1 
ATOM   59  H H1     . DG  A 1 2  ? -6.095  -5.478  -9.723  1.00 0.00 ? 2  DG  A H1     1 
ATOM   60  H H21    . DG  A 1 2  ? -6.658  -7.204  -8.325  1.00 0.00 ? 2  DG  A H21    1 
ATOM   61  H H22    . DG  A 1 2  ? -8.056  -7.072  -7.392  1.00 0.00 ? 2  DG  A H22    1 
ATOM   62  P P      . DC  A 1 3  ? -12.592 -4.019  -4.705  1.00 0.00 ? 3  DC  A P      1 
ATOM   63  O OP1    . DC  A 1 3  ? -13.366 -4.772  -3.756  1.00 0.00 ? 3  DC  A OP1    1 
ATOM   64  O OP2    . DC  A 1 3  ? -12.227 -2.675  -4.439  1.00 0.00 ? 3  DC  A OP2    1 
ATOM   65  O "O5'"  . DC  A 1 3  ? -11.307 -4.833  -4.942  1.00 0.00 ? 3  DC  A "O5'"  1 
ATOM   66  C "C5'"  . DC  A 1 3  ? -11.312 -6.198  -5.172  1.00 0.00 ? 3  DC  A "C5'"  1 
ATOM   67  C "C4'"  . DC  A 1 3  ? -10.028 -6.873  -4.857  1.00 0.00 ? 3  DC  A "C4'"  1 
ATOM   68  O "O4'"  . DC  A 1 3  ? -8.921  -6.424  -5.624  1.00 0.00 ? 3  DC  A "O4'"  1 
ATOM   69  C "C3'"  . DC  A 1 3  ? -9.628  -6.755  -3.428  1.00 0.00 ? 3  DC  A "C3'"  1 
ATOM   70  O "O3'"  . DC  A 1 3  ? -8.899  -7.924  -3.121  1.00 0.00 ? 3  DC  A "O3'"  1 
ATOM   71  C "C2'"  . DC  A 1 3  ? -8.794  -5.516  -3.522  1.00 0.00 ? 3  DC  A "C2'"  1 
ATOM   72  C "C1'"  . DC  A 1 3  ? -8.008  -5.715  -4.787  1.00 0.00 ? 3  DC  A "C1'"  1 
ATOM   73  N N1     . DC  A 1 3  ? -7.604  -4.524  -5.562  1.00 0.00 ? 3  DC  A N1     1 
ATOM   74  C C2     . DC  A 1 3  ? -6.329  -4.473  -6.008  1.00 0.00 ? 3  DC  A C2     1 
ATOM   75  O O2     . DC  A 1 3  ? -5.541  -5.355  -5.745  1.00 0.00 ? 3  DC  A O2     1 
ATOM   76  N N3     . DC  A 1 3  ? -5.944  -3.426  -6.756  1.00 0.00 ? 3  DC  A N3     1 
ATOM   77  C C4     . DC  A 1 3  ? -6.774  -2.449  -7.067  1.00 0.00 ? 3  DC  A C4     1 
ATOM   78  N N4     . DC  A 1 3  ? -6.331  -1.454  -7.812  1.00 0.00 ? 3  DC  A N4     1 
ATOM   79  C C5     . DC  A 1 3  ? -8.103  -2.473  -6.616  1.00 0.00 ? 3  DC  A C5     1 
ATOM   80  C C6     . DC  A 1 3  ? -8.467  -3.527  -5.867  1.00 0.00 ? 3  DC  A C6     1 
ATOM   81  H "H5'"  . DC  A 1 3  ? -11.512 -6.354  -6.206  1.00 0.00 ? 3  DC  A "H5'"  1 
ATOM   82  H "H5''" . DC  A 1 3  ? -12.070 -6.650  -4.569  1.00 0.00 ? 3  DC  A "H5''" 1 
ATOM   83  H "H4'"  . DC  A 1 3  ? -10.146 -7.898  -5.051  1.00 0.00 ? 3  DC  A "H4'"  1 
ATOM   84  H "H3'"  . DC  A 1 3  ? -10.479 -6.663  -2.776  1.00 0.00 ? 3  DC  A "H3'"  1 
ATOM   85  H "H2'"  . DC  A 1 3  ? -9.474  -4.697  -3.625  1.00 0.00 ? 3  DC  A "H2'"  1 
ATOM   86  H "H2''" . DC  A 1 3  ? -8.180  -5.391  -2.665  1.00 0.00 ? 3  DC  A "H2''" 1 
ATOM   87  H "H1'"  . DC  A 1 3  ? -7.135  -6.305  -4.544  1.00 0.00 ? 3  DC  A "H1'"  1 
ATOM   88  H H41    . DC  A 1 3  ? -5.400  -1.502  -8.174  1.00 0.00 ? 3  DC  A H41    1 
ATOM   89  H H42    . DC  A 1 3  ? -6.908  -0.662  -8.023  1.00 0.00 ? 3  DC  A H42    1 
ATOM   90  H H5     . DC  A 1 3  ? -8.793  -1.685  -6.882  1.00 0.00 ? 3  DC  A H5     1 
ATOM   91  H H6     . DC  A 1 3  ? -9.458  -3.599  -5.483  1.00 0.00 ? 3  DC  A H6     1 
ATOM   92  P P      . DG  A 1 4  ? -8.396  -8.380  -1.699  1.00 0.00 ? 4  DG  A P      1 
ATOM   93  O OP1    . DG  A 1 4  ? -8.751  -9.765  -1.547  1.00 0.00 ? 4  DG  A OP1    1 
ATOM   94  O OP2    . DG  A 1 4  ? -8.836  -7.418  -0.727  1.00 0.00 ? 4  DG  A OP2    1 
ATOM   95  O "O5'"  . DG  A 1 4  ? -6.813  -8.304  -1.820  1.00 0.00 ? 4  DG  A "O5'"  1 
ATOM   96  C "C5'"  . DG  A 1 4  ? -5.966  -7.907  -0.761  1.00 0.00 ? 4  DG  A "C5'"  1 
ATOM   97  C "C4'"  . DG  A 1 4  ? -4.593  -7.526  -1.263  1.00 0.00 ? 4  DG  A "C4'"  1 
ATOM   98  O "O4'"  . DG  A 1 4  ? -4.673  -6.593  -2.326  1.00 0.00 ? 4  DG  A "O4'"  1 
ATOM   99  C "C3'"  . DG  A 1 4  ? -3.705  -6.915  -0.182  1.00 0.00 ? 4  DG  A "C3'"  1 
ATOM   100 O "O3'"  . DG  A 1 4  ? -2.375  -7.389  -0.232  1.00 0.00 ? 4  DG  A "O3'"  1 
ATOM   101 C "C2'"  . DG  A 1 4  ? -3.771  -5.497  -0.598  1.00 0.00 ? 4  DG  A "C2'"  1 
ATOM   102 C "C1'"  . DG  A 1 4  ? -3.754  -5.576  -2.080  1.00 0.00 ? 4  DG  A "C1'"  1 
ATOM   103 N N9     . DG  A 1 4  ? -4.150  -4.354  -2.784  1.00 0.00 ? 4  DG  A N9     1 
ATOM   104 C C8     . DG  A 1 4  ? -5.276  -3.600  -2.664  1.00 0.00 ? 4  DG  A C8     1 
ATOM   105 N N7     . DG  A 1 4  ? -5.322  -2.565  -3.451  1.00 0.00 ? 4  DG  A N7     1 
ATOM   106 C C5     . DG  A 1 4  ? -4.135  -2.649  -4.142  1.00 0.00 ? 4  DG  A C5     1 
ATOM   107 C C6     . DG  A 1 4  ? -3.608  -1.810  -5.141  1.00 0.00 ? 4  DG  A C6     1 
ATOM   108 O O6     . DG  A 1 4  ? -4.078  -0.796  -5.639  1.00 0.00 ? 4  DG  A O6     1 
ATOM   109 N N1     . DG  A 1 4  ? -2.388  -2.256  -5.564  1.00 0.00 ? 4  DG  A N1     1 
ATOM   110 C C2     . DG  A 1 4  ? -1.745  -3.370  -5.094  1.00 0.00 ? 4  DG  A C2     1 
ATOM   111 N N2     . DG  A 1 4  ? -0.582  -3.670  -5.604  1.00 0.00 ? 4  DG  A N2     1 
ATOM   112 N N3     . DG  A 1 4  ? -2.225  -4.160  -4.161  1.00 0.00 ? 4  DG  A N3     1 
ATOM   113 C C4     . DG  A 1 4  ? -3.420  -3.739  -3.735  1.00 0.00 ? 4  DG  A C4     1 
ATOM   114 H "H5'"  . DG  A 1 4  ? -5.864  -8.704  -0.061  1.00 0.00 ? 4  DG  A "H5'"  1 
ATOM   115 H "H5''" . DG  A 1 4  ? -6.412  -7.070  -0.252  1.00 0.00 ? 4  DG  A "H5''" 1 
ATOM   116 H "H4'"  . DG  A 1 4  ? -4.098  -8.410  -1.631  1.00 0.00 ? 4  DG  A "H4'"  1 
ATOM   117 H "H3'"  . DG  A 1 4  ? -4.115  -7.101  0.776   1.00 0.00 ? 4  DG  A "H3'"  1 
ATOM   118 H "H2'"  . DG  A 1 4  ? -4.707  -5.086  -0.278  1.00 0.00 ? 4  DG  A "H2'"  1 
ATOM   119 H "H2''" . DG  A 1 4  ? -2.966  -4.909  -0.207  1.00 0.00 ? 4  DG  A "H2''" 1 
ATOM   120 H "H1'"  . DG  A 1 4  ? -2.781  -5.900  -2.400  1.00 0.00 ? 4  DG  A "H1'"  1 
ATOM   121 H H8     . DG  A 1 4  ? -6.063  -3.856  -1.975  1.00 0.00 ? 4  DG  A H8     1 
ATOM   122 H H1     . DG  A 1 4  ? -1.965  -1.684  -6.270  1.00 0.00 ? 4  DG  A H1     1 
ATOM   123 H H21    . DG  A 1 4  ? -0.186  -3.103  -6.327  1.00 0.00 ? 4  DG  A H21    1 
ATOM   124 H H22    . DG  A 1 4  ? -0.099  -4.478  -5.249  1.00 0.00 ? 4  DG  A H22    1 
ATOM   125 P P      . DA  A 1 5  ? -1.404  -7.364  1.000   1.00 0.00 ? 5  DA  A P      1 
ATOM   126 O OP1    . DA  A 1 5  ? -1.439  -8.645  1.551   1.00 0.00 ? 5  DA  A OP1    1 
ATOM   127 O OP2    . DA  A 1 5  ? -1.678  -6.249  1.842   1.00 0.00 ? 5  DA  A OP2    1 
ATOM   128 O "O5'"  . DA  A 1 5  ? -0.004  -7.133  0.376   1.00 0.00 ? 5  DA  A "O5'"  1 
ATOM   129 C "C5'"  . DA  A 1 5  ? 0.586   -8.035  -0.507  1.00 0.00 ? 5  DA  A "C5'"  1 
ATOM   130 C "C4'"  . DA  A 1 5  ? 1.625   -7.419  -1.394  1.00 0.00 ? 5  DA  A "C4'"  1 
ATOM   131 O "O4'"  . DA  A 1 5  ? 1.081   -6.373  -2.163  1.00 0.00 ? 5  DA  A "O4'"  1 
ATOM   132 C "C3'"  . DA  A 1 5  ? 2.853   -6.876  -0.703  1.00 0.00 ? 5  DA  A "C3'"  1 
ATOM   133 O "O3'"  . DA  A 1 5  ? 3.954   -7.090  -1.552  1.00 0.00 ? 5  DA  A "O3'"  1 
ATOM   134 C "C2'"  . DA  A 1 5  ? 2.431   -5.475  -0.527  1.00 0.00 ? 5  DA  A "C2'"  1 
ATOM   135 C "C1'"  . DA  A 1 5  ? 1.690   -5.157  -1.784  1.00 0.00 ? 5  DA  A "C1'"  1 
ATOM   136 N N9     . DA  A 1 5  ? 0.615   -4.179  -1.605  1.00 0.00 ? 5  DA  A N9     1 
ATOM   137 C C8     . DA  A 1 5  ? -0.428  -4.193  -0.726  1.00 0.00 ? 5  DA  A C8     1 
ATOM   138 N N7     . DA  A 1 5  ? -1.244  -3.195  -0.850  1.00 0.00 ? 5  DA  A N7     1 
ATOM   139 C C5     . DA  A 1 5  ? -0.699  -2.464  -1.886  1.00 0.00 ? 5  DA  A C5     1 
ATOM   140 C C6     . DA  A 1 5  ? -1.086  -1.281  -2.509  1.00 0.00 ? 5  DA  A C6     1 
ATOM   141 N N6     . DA  A 1 5  ? -2.173  -0.606  -2.165  1.00 0.00 ? 5  DA  A N6     1 
ATOM   142 N N1     . DA  A 1 5  ? -0.317  -0.830  -3.501  1.00 0.00 ? 5  DA  A N1     1 
ATOM   143 C C2     . DA  A 1 5  ? 0.766   -1.513  -3.845  1.00 0.00 ? 5  DA  A C2     1 
ATOM   144 N N3     . DA  A 1 5  ? 1.228   -2.632  -3.340  1.00 0.00 ? 5  DA  A N3     1 
ATOM   145 C C4     . DA  A 1 5  ? 0.436   -3.057  -2.347  1.00 0.00 ? 5  DA  A C4     1 
ATOM   146 H "H5'"  . DA  A 1 5  ? -0.182  -8.450  -1.129  1.00 0.00 ? 5  DA  A "H5'"  1 
ATOM   147 H "H5''" . DA  A 1 5  ? 1.053   -8.812  0.050   1.00 0.00 ? 5  DA  A "H5''" 1 
ATOM   148 H "H4'"  . DA  A 1 5  ? 1.953   -8.172  -2.057  1.00 0.00 ? 5  DA  A "H4'"  1 
ATOM   149 H "H3'"  . DA  A 1 5  ? 3.044   -7.376  0.219   1.00 0.00 ? 5  DA  A "H3'"  1 
ATOM   150 H "H2'"  . DA  A 1 5  ? 1.744   -5.464  0.283   1.00 0.00 ? 5  DA  A "H2'"  1 
ATOM   151 H "H2''" . DA  A 1 5  ? 3.233   -4.794  -0.339  1.00 0.00 ? 5  DA  A "H2''" 1 
ATOM   152 H "H1'"  . DA  A 1 5  ? 2.384   -4.835  -2.533  1.00 0.00 ? 5  DA  A "H1'"  1 
ATOM   153 H H8     . DA  A 1 5  ? -0.557  -4.959  0.026   1.00 0.00 ? 5  DA  A H8     1 
ATOM   154 H H61    . DA  A 1 5  ? -2.501  0.062   -2.480  1.00 0.00 ? 5  DA  A H61    1 
ATOM   155 H H62    . DA  A 1 5  ? -2.588  -0.641  -1.884  1.00 0.00 ? 5  DA  A H62    1 
ATOM   156 H H2     . DA  A 1 5  ? 1.384   -1.120  -4.648  1.00 0.00 ? 5  DA  A H2     1 
HETATM 157 P P      . AAB A 1 6  ? 5.397   -6.516  -1.397  1.00 0.00 ? 6  AAB A P      1 
HETATM 158 O O1P    . AAB A 1 6  ? 6.322   -7.408  -2.096  1.00 0.00 ? 6  AAB A O1P    1 
HETATM 159 O O2P    . AAB A 1 6  ? 5.596   -6.194  0.003   1.00 0.00 ? 6  AAB A O2P    1 
HETATM 160 O "O5'"  . AAB A 1 6  ? 5.331   -5.173  -2.198  1.00 0.00 ? 6  AAB A "O5'"  1 
HETATM 161 C "C5'"  . AAB A 1 6  ? 5.349   -5.045  -3.626  1.00 0.00 ? 6  AAB A "C5'"  1 
HETATM 162 C "C4'"  . AAB A 1 6  ? 5.824   -3.654  -4.074  1.00 0.00 ? 6  AAB A "C4'"  1 
HETATM 163 O "O4'"  . AAB A 1 6  ? 4.990   -2.641  -3.482  1.00 0.00 ? 6  AAB A "O4'"  1 
HETATM 164 C "C1'"  . AAB A 1 6  ? 5.779   -1.832  -2.620  1.00 0.00 ? 6  AAB A "C1'"  1 
HETATM 165 O "O1'"  . AAB A 1 6  ? 5.048   -1.534  -1.446  1.00 0.00 ? 6  AAB A "O1'"  1 
HETATM 166 C "C2'"  . AAB A 1 6  ? 6.945   -2.749  -2.320  1.00 0.00 ? 6  AAB A "C2'"  1 
HETATM 167 C "C3'"  . AAB A 1 6  ? 7.263   -3.334  -3.651  1.00 0.00 ? 6  AAB A "C3'"  1 
HETATM 168 O "O3'"  . AAB A 1 6  ? 7.891   -2.403  -4.536  1.00 0.00 ? 6  AAB A "O3'"  1 
HETATM 169 H "H5'1" . AAB A 1 6  ? 4.344   -5.199  -4.001  1.00 0.00 ? 6  AAB A "H5'1" 1 
HETATM 170 H "H5'2" . AAB A 1 6  ? 6.000   -5.789  -4.061  1.00 0.00 ? 6  AAB A "H5'2" 1 
HETATM 171 H "H4'"  . AAB A 1 6  ? 5.759   -3.589  -5.152  1.00 0.00 ? 6  AAB A "H4'"  1 
HETATM 172 H "H1'"  . AAB A 1 6  ? 6.080   -0.932  -3.134  1.00 0.00 ? 6  AAB A "H1'"  1 
HETATM 173 H "HO1'" . AAB A 1 6  ? 4.875   -0.993  -1.328  1.00 0.00 ? 6  AAB A "HO1'" 1 
HETATM 174 H "H2'1" . AAB A 1 6  ? 7.795   -2.267  -1.856  1.00 0.00 ? 6  AAB A "H2'1" 1 
HETATM 175 H "H2'2" . AAB A 1 6  ? 6.583   -3.555  -1.697  1.00 0.00 ? 6  AAB A "H2'2" 1 
HETATM 176 H "H3'"  . AAB A 1 6  ? 7.865   -4.234  -3.591  1.00 0.00 ? 6  AAB A "H3'"  1 
ATOM   177 P P      . DA  A 1 7  ? 9.295   -1.696  -4.259  1.00 0.00 ? 7  DA  A P      1 
ATOM   178 O OP1    . DA  A 1 7  ? 9.965   -1.524  -5.521  1.00 0.00 ? 7  DA  A OP1    1 
ATOM   179 O OP2    . DA  A 1 7  ? 9.977   -2.404  -3.205  1.00 0.00 ? 7  DA  A OP2    1 
ATOM   180 O "O5'"  . DA  A 1 7  ? 8.902   -0.259  -3.714  1.00 0.00 ? 7  DA  A "O5'"  1 
ATOM   181 C "C5'"  . DA  A 1 7  ? 8.489   0.797   -4.556  1.00 0.00 ? 7  DA  A "C5'"  1 
ATOM   182 C "C4'"  . DA  A 1 7  ? 8.126   2.078   -3.844  1.00 0.00 ? 7  DA  A "C4'"  1 
ATOM   183 O "O4'"  . DA  A 1 7  ? 7.015   1.905   -2.973  1.00 0.00 ? 7  DA  A "O4'"  1 
ATOM   184 C "C3'"  . DA  A 1 7  ? 9.248   2.696   -3.022  1.00 0.00 ? 7  DA  A "C3'"  1 
ATOM   185 O "O3'"  . DA  A 1 7  ? 9.206   4.104   -3.131  1.00 0.00 ? 7  DA  A "O3'"  1 
ATOM   186 C "C2'"  . DA  A 1 7  ? 8.857   2.230   -1.666  1.00 0.00 ? 7  DA  A "C2'"  1 
ATOM   187 C "C1'"  . DA  A 1 7  ? 7.352   2.376   -1.674  1.00 0.00 ? 7  DA  A "C1'"  1 
ATOM   188 N N9     . DA  A 1 7  ? 6.616   1.600   -0.678  1.00 0.00 ? 7  DA  A N9     1 
ATOM   189 C C8     . DA  A 1 7  ? 6.966   0.491   0.008   1.00 0.00 ? 7  DA  A C8     1 
ATOM   190 N N7     . DA  A 1 7  ? 6.048   0.065   0.813   1.00 0.00 ? 7  DA  A N7     1 
ATOM   191 C C5     . DA  A 1 7  ? 5.012   0.961   0.646   1.00 0.00 ? 7  DA  A C5     1 
ATOM   192 C C6     . DA  A 1 7  ? 3.742   1.070   1.212   1.00 0.00 ? 7  DA  A C6     1 
ATOM   193 N N6     . DA  A 1 7  ? 3.284   0.219   2.100   1.00 0.00 ? 7  DA  A N6     1 
ATOM   194 N N1     . DA  A 1 7  ? 2.971   2.082   0.818   1.00 0.00 ? 7  DA  A N1     1 
ATOM   195 C C2     . DA  A 1 7  ? 3.440   2.925   -0.081  1.00 0.00 ? 7  DA  A C2     1 
ATOM   196 N N3     . DA  A 1 7  ? 4.609   2.917   -0.675  1.00 0.00 ? 7  DA  A N3     1 
ATOM   197 C C4     . DA  A 1 7  ? 5.355   1.896   -0.260  1.00 0.00 ? 7  DA  A C4     1 
ATOM   198 H "H5'"  . DA  A 1 7  ? 7.611   0.488   -5.096  1.00 0.00 ? 7  DA  A "H5'"  1 
ATOM   199 H "H5''" . DA  A 1 7  ? 9.287   1.010   -5.242  1.00 0.00 ? 7  DA  A "H5''" 1 
ATOM   200 H "H4'"  . DA  A 1 7  ? 7.844   2.790   -4.589  1.00 0.00 ? 7  DA  A "H4'"  1 
ATOM   201 H "H3'"  . DA  A 1 7  ? 10.214  2.329   -3.345  1.00 0.00 ? 7  DA  A "H3'"  1 
ATOM   202 H "H2'"  . DA  A 1 7  ? 9.156   1.198   -1.631  1.00 0.00 ? 7  DA  A "H2'"  1 
ATOM   203 H "H2''" . DA  A 1 7  ? 9.325   2.766   -0.865  1.00 0.00 ? 7  DA  A "H2''" 1 
ATOM   204 H "H1'"  . DA  A 1 7  ? 7.066   3.415   -1.565  1.00 0.00 ? 7  DA  A "H1'"  1 
ATOM   205 H H8     . DA  A 1 7  ? 7.923   -0.005  -0.100  1.00 0.00 ? 7  DA  A H8     1 
ATOM   206 H H61    . DA  A 1 7  ? 2.393   0.070   2.317   1.00 0.00 ? 7  DA  A H61    1 
ATOM   207 H H62    . DA  A 1 7  ? 3.650   -0.234  2.384   1.00 0.00 ? 7  DA  A H62    1 
ATOM   208 H H2     . DA  A 1 7  ? 2.817   3.739   -0.410  1.00 0.00 ? 7  DA  A H2     1 
ATOM   209 P P      . DC  A 1 8  ? 10.081  5.114   -2.289  1.00 0.00 ? 8  DC  A P      1 
ATOM   210 O OP1    . DC  A 1 8  ? 10.596  6.010   -3.167  1.00 0.00 ? 8  DC  A OP1    1 
ATOM   211 O OP2    . DC  A 1 8  ? 10.922  4.419   -1.456  1.00 0.00 ? 8  DC  A OP2    1 
ATOM   212 O "O5'"  . DC  A 1 8  ? 9.133   5.850   -1.360  1.00 0.00 ? 8  DC  A "O5'"  1 
ATOM   213 C "C5'"  . DC  A 1 8  ? 8.127   6.615   -1.833  1.00 0.00 ? 8  DC  A "C5'"  1 
ATOM   214 C "C4'"  . DC  A 1 8  ? 7.176   7.036   -0.784  1.00 0.00 ? 8  DC  A "C4'"  1 
ATOM   215 O "O4'"  . DC  A 1 8  ? 6.627   5.908   -0.175  1.00 0.00 ? 8  DC  A "O4'"  1 
ATOM   216 C "C3'"  . DC  A 1 8  ? 7.749   7.935   0.296   1.00 0.00 ? 8  DC  A "C3'"  1 
ATOM   217 O "O3'"  . DC  A 1 8  ? 6.879   8.998   0.617   1.00 0.00 ? 8  DC  A "O3'"  1 
ATOM   218 C "C2'"  . DC  A 1 8  ? 7.910   6.962   1.380   1.00 0.00 ? 8  DC  A "C2'"  1 
ATOM   219 C "C1'"  . DC  A 1 8  ? 6.723   6.051   1.228   1.00 0.00 ? 8  DC  A "C1'"  1 
ATOM   220 N N1     . DC  A 1 8  ? 6.800   4.730   1.895   1.00 0.00 ? 8  DC  A N1     1 
ATOM   221 C C2     . DC  A 1 8  ? 5.664   4.290   2.561   1.00 0.00 ? 8  DC  A C2     1 
ATOM   222 O O2     . DC  A 1 8  ? 4.639   4.947   2.602   1.00 0.00 ? 8  DC  A O2     1 
ATOM   223 N N3     . DC  A 1 8  ? 5.690   3.098   3.183   1.00 0.00 ? 8  DC  A N3     1 
ATOM   224 C C4     . DC  A 1 8  ? 6.783   2.352   3.162   1.00 0.00 ? 8  DC  A C4     1 
ATOM   225 N N4     . DC  A 1 8  ? 6.738   1.190   3.787   1.00 0.00 ? 8  DC  A N4     1 
ATOM   226 C C5     . DC  A 1 8  ? 7.970   2.774   2.487   1.00 0.00 ? 8  DC  A C5     1 
ATOM   227 C C6     . DC  A 1 8  ? 7.931   3.964   1.867   1.00 0.00 ? 8  DC  A C6     1 
ATOM   228 H "H5'"  . DC  A 1 8  ? 7.611   6.041   -2.574  1.00 0.00 ? 8  DC  A "H5'"  1 
ATOM   229 H "H5''" . DC  A 1 8  ? 8.517   7.472   -2.254  1.00 0.00 ? 8  DC  A "H5''" 1 
ATOM   230 H "H4'"  . DC  A 1 8  ? 6.404   7.569   -1.227  1.00 0.00 ? 8  DC  A "H4'"  1 
ATOM   231 H "H3'"  . DC  A 1 8  ? 8.674   8.337   -0.013  1.00 0.00 ? 8  DC  A "H3'"  1 
ATOM   232 H "H2'"  . DC  A 1 8  ? 8.835   6.469   1.168   1.00 0.00 ? 8  DC  A "H2'"  1 
ATOM   233 H "H2''" . DC  A 1 8  ? 7.963   7.434   2.333   1.00 0.00 ? 8  DC  A "H2''" 1 
ATOM   234 H "H1'"  . DC  A 1 8  ? 5.855   6.589   1.592   1.00 0.00 ? 8  DC  A "H1'"  1 
ATOM   235 H H41    . DC  A 1 8  ? 5.901   0.939   4.280   1.00 0.00 ? 8  DC  A H41    1 
ATOM   236 H H42    . DC  A 1 8  ? 7.514   0.574   3.774   1.00 0.00 ? 8  DC  A H42    1 
ATOM   237 H H5     . DC  A 1 8  ? 8.861   2.158   2.499   1.00 0.00 ? 8  DC  A H5     1 
ATOM   238 H H6     . DC  A 1 8  ? 8.817   4.295   1.332   1.00 0.00 ? 8  DC  A H6     1 
ATOM   239 P P      . DG  A 1 9  ? 6.885   10.059  1.699   1.00 0.00 ? 9  DG  A P      1 
ATOM   240 O OP1    . DG  A 1 9  ? 6.455   11.263  1.142   1.00 0.00 ? 9  DG  A OP1    1 
ATOM   241 O OP2    . DG  A 1 9  ? 8.163   9.954   2.337   1.00 0.00 ? 9  DG  A OP2    1 
ATOM   242 O "O5'"  . DG  A 1 9  ? 5.745   9.635   2.666   1.00 0.00 ? 9  DG  A "O5'"  1 
ATOM   243 C "C5'"  . DG  A 1 9  ? 4.377   9.714   2.323   1.00 0.00 ? 9  DG  A "C5'"  1 
ATOM   244 C "C4'"  . DG  A 1 9  ? 3.457   9.301   3.451   1.00 0.00 ? 9  DG  A "C4'"  1 
ATOM   245 O "O4'"  . DG  A 1 9  ? 3.716   7.953   3.844   1.00 0.00 ? 9  DG  A "O4'"  1 
ATOM   246 C "C3'"  . DG  A 1 9  ? 3.594   10.162  4.694   1.00 0.00 ? 9  DG  A "C3'"  1 
ATOM   247 O "O3'"  . DG  A 1 9  ? 2.329   10.374  5.330   1.00 0.00 ? 9  DG  A "O3'"  1 
ATOM   248 C "C2'"  . DG  A 1 9  ? 4.491   9.291   5.502   1.00 0.00 ? 9  DG  A "C2'"  1 
ATOM   249 C "C1'"  . DG  A 1 9  ? 3.914   7.940   5.249   1.00 0.00 ? 9  DG  A "C1'"  1 
ATOM   250 N N9     . DG  A 1 9  ? 4.785   6.848   5.656   1.00 0.00 ? 9  DG  A N9     1 
ATOM   251 C C8     . DG  A 1 9  ? 6.091   6.622   5.363   1.00 0.00 ? 9  DG  A C8     1 
ATOM   252 N N7     . DG  A 1 9  ? 6.566   5.526   5.869   1.00 0.00 ? 9  DG  A N7     1 
ATOM   253 C C5     . DG  A 1 9  ? 5.480   4.997   6.550   1.00 0.00 ? 9  DG  A C5     1 
ATOM   254 C C6     . DG  A 1 9  ? 5.357   3.816   7.309   1.00 0.00 ? 9  DG  A C6     1 
ATOM   255 O O6     . DG  A 1 9  ? 6.182   2.955   7.552   1.00 0.00 ? 9  DG  A O6     1 
ATOM   256 N N1     . DG  A 1 9  ? 4.097   3.668   7.821   1.00 0.00 ? 9  DG  A N1     1 
ATOM   257 C C2     . DG  A 1 9  ? 3.069   4.546   7.632   1.00 0.00 ? 9  DG  A C2     1 
ATOM   258 N N2     . DG  A 1 9  ? 1.916   4.292   8.197   1.00 0.00 ? 9  DG  A N2     1 
ATOM   259 N N3     . DG  A 1 9  ? 3.168   5.649   6.926   1.00 0.00 ? 9  DG  A N3     1 
ATOM   260 C C4     . DG  A 1 9  ? 4.396   5.808   6.419   1.00 0.00 ? 9  DG  A C4     1 
ATOM   261 H "H5'"  . DG  A 1 9  ? 4.200   9.061   1.490   1.00 0.00 ? 9  DG  A "H5'"  1 
ATOM   262 H "H5''" . DG  A 1 9  ? 4.139   10.724  2.040   1.00 0.00 ? 9  DG  A "H5''" 1 
ATOM   263 H "H4'"  . DG  A 1 9  ? 2.445   9.369   3.118   1.00 0.00 ? 9  DG  A "H4'"  1 
ATOM   264 H "H3'"  . DG  A 1 9  ? 4.035   11.111  4.443   1.00 0.00 ? 9  DG  A "H3'"  1 
ATOM   265 H "H2'"  . DG  A 1 9  ? 5.485   9.355   5.069   1.00 0.00 ? 9  DG  A "H2'"  1 
ATOM   266 H "H2''" . DG  A 1 9  ? 4.510   9.530   6.556   1.00 0.00 ? 9  DG  A "H2''" 1 
ATOM   267 H "H1'"  . DG  A 1 9  ? 2.940   7.843   5.715   1.00 0.00 ? 9  DG  A "H1'"  1 
ATOM   268 H H8     . DG  A 1 9  ? 6.671   7.320   4.772   1.00 0.00 ? 9  DG  A H8     1 
ATOM   269 H H1     . DG  A 1 9  ? 3.967   2.837   8.366   1.00 0.00 ? 9  DG  A H1     1 
ATOM   270 H H21    . DG  A 1 9  ? 1.751   3.437   8.694   1.00 0.00 ? 9  DG  A H21    1 
ATOM   271 H H22    . DG  A 1 9  ? 1.211   4.990   8.116   1.00 0.00 ? 9  DG  A H22    1 
ATOM   272 P P      . DC  A 1 10 ? 2.101   10.963  6.794   1.00 0.00 ? 10 DC  A P      1 
ATOM   273 O OP1    . DC  A 1 10 ? 1.103   11.979  6.714   1.00 0.00 ? 10 DC  A OP1    1 
ATOM   274 O OP2    . DC  A 1 10 ? 3.384   11.276  7.383   1.00 0.00 ? 10 DC  A OP2    1 
ATOM   275 O "O5'"  . DC  A 1 10 ? 1.502   9.769   7.614   1.00 0.00 ? 10 DC  A "O5'"  1 
ATOM   276 C "C5'"  . DC  A 1 10 ? 0.250   9.167   7.334   1.00 0.00 ? 10 DC  A "C5'"  1 
ATOM   277 C "C4'"  . DC  A 1 10 ? -0.222  8.246   8.447   1.00 0.00 ? 10 DC  A "C4'"  1 
ATOM   278 O "O4'"  . DC  A 1 10 ? 0.735   7.228   8.691   1.00 0.00 ? 10 DC  A "O4'"  1 
ATOM   279 C "C3'"  . DC  A 1 10 ? -0.492  8.916   9.784   1.00 0.00 ? 10 DC  A "C3'"  1 
ATOM   280 O "O3'"  . DC  A 1 10 ? -1.566  8.255   10.446  1.00 0.00 ? 10 DC  A "O3'"  1 
ATOM   281 C "C2'"  . DC  A 1 10 ? 0.858   8.769   10.416  1.00 0.00 ? 10 DC  A "C2'"  1 
ATOM   282 C "C1'"  . DC  A 1 10 ? 1.310   7.407   9.974   1.00 0.00 ? 10 DC  A "C1'"  1 
ATOM   283 N N1     . DC  A 1 10 ? 2.769   7.203   9.813   1.00 0.00 ? 10 DC  A N1     1 
ATOM   284 C C2     . DC  A 1 10 ? 3.302   6.071   10.365  1.00 0.00 ? 10 DC  A C2     1 
ATOM   285 O O2     . DC  A 1 10 ? 2.618   5.293   11.006  1.00 0.00 ? 10 DC  A O2     1 
ATOM   286 N N3     . DC  A 1 10 ? 4.615   5.824   10.202  1.00 0.00 ? 10 DC  A N3     1 
ATOM   287 C C4     . DC  A 1 10 ? 5.397   6.651   9.524   1.00 0.00 ? 10 DC  A C4     1 
ATOM   288 N N4     . DC  A 1 10 ? 6.678   6.342   9.401   1.00 0.00 ? 10 DC  A N4     1 
ATOM   289 C C5     . DC  A 1 10 ? 4.874   7.834   8.945   1.00 0.00 ? 10 DC  A C5     1 
ATOM   290 C C6     . DC  A 1 10 ? 3.559   8.068   9.119   1.00 0.00 ? 10 DC  A C6     1 
ATOM   291 H "H5'"  . DC  A 1 10 ? 0.374   8.576   6.440   1.00 0.00 ? 10 DC  A "H5'"  1 
ATOM   292 H "H5''" . DC  A 1 10 ? -0.504  9.914   7.171   1.00 0.00 ? 10 DC  A "H5''" 1 
ATOM   293 H "H4'"  . DC  A 1 10 ? -1.134  7.775   8.132   1.00 0.00 ? 10 DC  A "H4'"  1 
ATOM   294 H "H3'"  . DC  A 1 10 ? -0.779  9.938   9.636   1.00 0.00 ? 10 DC  A "H3'"  1 
ATOM   295 H "H2'"  . DC  A 1 10 ? 1.475   9.533   9.973   1.00 0.00 ? 10 DC  A "H2'"  1 
ATOM   296 H "H2''" . DC  A 1 10 ? 0.859   8.859   11.492  1.00 0.00 ? 10 DC  A "H2''" 1 
ATOM   297 H "H1'"  . DC  A 1 10 ? 0.878   6.678   10.635  1.00 0.00 ? 10 DC  A "H1'"  1 
ATOM   298 H H41    . DC  A 1 10 ? 6.993   5.462   9.778   1.00 0.00 ? 10 DC  A H41    1 
ATOM   299 H H42    . DC  A 1 10 ? 7.327   6.957   8.941   1.00 0.00 ? 10 DC  A H42    1 
ATOM   300 H H5     . DC  A 1 10 ? 5.514   8.505   8.384   1.00 0.00 ? 10 DC  A H5     1 
ATOM   301 H H6     . DC  A 1 10 ? 3.130   8.967   8.707   1.00 0.00 ? 10 DC  A H6     1 
ATOM   302 P P      . DC  A 1 11 ? -2.047  8.487   11.945  1.00 0.00 ? 11 DC  A P      1 
ATOM   303 O OP1    . DC  A 1 11 ? -3.368  7.987   12.126  1.00 0.00 ? 11 DC  A OP1    1 
ATOM   304 O OP2    . DC  A 1 11 ? -1.776  9.816   12.304  1.00 0.00 ? 11 DC  A OP2    1 
ATOM   305 O "O5'"  . DC  A 1 11 ? -1.078  7.566   12.701  1.00 0.00 ? 11 DC  A "O5'"  1 
ATOM   306 C "C5'"  . DC  A 1 11 ? -0.962  7.514   14.095  1.00 0.00 ? 11 DC  A "C5'"  1 
ATOM   307 C "C4'"  . DC  A 1 11 ? -0.575  6.134   14.587  1.00 0.00 ? 11 DC  A "C4'"  1 
ATOM   308 O "O4'"  . DC  A 1 11 ? 0.644   5.689   13.989  1.00 0.00 ? 11 DC  A "O4'"  1 
ATOM   309 C "C3'"  . DC  A 1 11 ? -0.310  6.069   16.076  1.00 0.00 ? 11 DC  A "C3'"  1 
ATOM   310 O "O3'"  . DC  A 1 11 ? -0.448  4.742   16.536  1.00 0.00 ? 11 DC  A "O3'"  1 
ATOM   311 C "C2'"  . DC  A 1 11 ? 1.140   6.457   16.075  1.00 0.00 ? 11 DC  A "C2'"  1 
ATOM   312 C "C1'"  . DC  A 1 11 ? 1.703   5.667   14.933  1.00 0.00 ? 11 DC  A "C1'"  1 
ATOM   313 N N1     . DC  A 1 11 ? 2.924   6.203   14.314  1.00 0.00 ? 11 DC  A N1     1 
ATOM   314 C C2     . DC  A 1 11 ? 4.084   5.480   14.433  1.00 0.00 ? 11 DC  A C2     1 
ATOM   315 O O2     . DC  A 1 11 ? 4.120   4.438   15.056  1.00 0.00 ? 11 DC  A O2     1 
ATOM   316 N N3     . DC  A 1 11 ? 5.197   5.950   13.845  1.00 0.00 ? 11 DC  A N3     1 
ATOM   317 C C4     . DC  A 1 11 ? 5.186   7.085   13.168  1.00 0.00 ? 11 DC  A C4     1 
ATOM   318 N N4     . DC  A 1 11 ? 6.301   7.496   12.611  1.00 0.00 ? 11 DC  A N4     1 
ATOM   319 C C5     . DC  A 1 11 ? 4.006   7.844   13.036  1.00 0.00 ? 11 DC  A C5     1 
ATOM   320 C C6     . DC  A 1 11 ? 2.905   7.367   13.623  1.00 0.00 ? 11 DC  A C6     1 
ATOM   321 H "H5'"  . DC  A 1 11 ? -1.887  7.799   14.531  1.00 0.00 ? 11 DC  A "H5'"  1 
ATOM   322 H "H5''" . DC  A 1 11 ? -0.217  8.199   14.390  1.00 0.00 ? 11 DC  A "H5''" 1 
ATOM   323 H "H4'"  . DC  A 1 11 ? -1.367  5.465   14.324  1.00 0.00 ? 11 DC  A "H4'"  1 
ATOM   324 H "H3'"  . DC  A 1 11 ? -0.970  6.726   16.625  1.00 0.00 ? 11 DC  A "H3'"  1 
ATOM   325 H "HO3'" . DC  A 1 11 ? -0.036  4.366   16.168  1.00 0.00 ? 11 DC  A "HO3'" 1 
ATOM   326 H "H2'"  . DC  A 1 11 ? 1.189   7.508   15.868  1.00 0.00 ? 11 DC  A "H2'"  1 
ATOM   327 H "H2''" . DC  A 1 11 ? 1.661   6.237   16.988  1.00 0.00 ? 11 DC  A "H2''" 1 
ATOM   328 H "H1'"  . DC  A 1 11 ? 1.876   4.666   15.263  1.00 0.00 ? 11 DC  A "H1'"  1 
ATOM   329 H H41    . DC  A 1 11 ? 7.107   6.919   12.686  1.00 0.00 ? 11 DC  A H41    1 
ATOM   330 H H42    . DC  A 1 11 ? 6.345   8.360   12.120  1.00 0.00 ? 11 DC  A H42    1 
ATOM   331 H H5     . DC  A 1 11 ? 3.988   8.767   12.480  1.00 0.00 ? 11 DC  A H5     1 
ATOM   332 H H6     . DC  A 1 11 ? 1.985   7.922   13.548  1.00 0.00 ? 11 DC  A H6     1 
ATOM   333 O "O5'"  . DG  B 2 1  ? 14.660  -1.221  17.174  1.00 0.00 ? 12 DG  B "O5'"  1 
ATOM   334 C "C5'"  . DG  B 2 1  ? 14.117  0.021   16.862  1.00 0.00 ? 12 DG  B "C5'"  1 
ATOM   335 C "C4'"  . DG  B 2 1  ? 12.637  -0.034  16.855  1.00 0.00 ? 12 DG  B "C4'"  1 
ATOM   336 O "O4'"  . DG  B 2 1  ? 12.039  1.217   16.545  1.00 0.00 ? 12 DG  B "O4'"  1 
ATOM   337 C "C3'"  . DG  B 2 1  ? 12.120  -1.037  15.850  1.00 0.00 ? 12 DG  B "C3'"  1 
ATOM   338 O "O3'"  . DG  B 2 1  ? 11.142  -1.824  16.482  1.00 0.00 ? 12 DG  B "O3'"  1 
ATOM   339 C "C2'"  . DG  B 2 1  ? 11.582  -0.124  14.790  1.00 0.00 ? 12 DG  B "C2'"  1 
ATOM   340 C "C1'"  . DG  B 2 1  ? 11.003  0.990   15.602  1.00 0.00 ? 12 DG  B "C1'"  1 
ATOM   341 N N9     . DG  B 2 1  ? 10.684  2.199   14.837  1.00 0.00 ? 12 DG  B N9     1 
ATOM   342 C C8     . DG  B 2 1  ? 11.502  3.014   14.122  1.00 0.00 ? 12 DG  B C8     1 
ATOM   343 N N7     . DG  B 2 1  ? 10.893  4.021   13.570  1.00 0.00 ? 12 DG  B N7     1 
ATOM   344 C C5     . DG  B 2 1  ? 9.574   3.858   13.948  1.00 0.00 ? 12 DG  B C5     1 
ATOM   345 C C6     . DG  B 2 1  ? 8.430   4.638   13.657  1.00 0.00 ? 12 DG  B C6     1 
ATOM   346 O O6     . DG  B 2 1  ? 8.323   5.655   12.994  1.00 0.00 ? 12 DG  B O6     1 
ATOM   347 N N1     . DG  B 2 1  ? 7.306   4.119   14.235  1.00 0.00 ? 12 DG  B N1     1 
ATOM   348 C C2     . DG  B 2 1  ? 7.274   2.990   14.998  1.00 0.00 ? 12 DG  B C2     1 
ATOM   349 N N2     . DG  B 2 1  ? 6.119   2.604   15.468  1.00 0.00 ? 12 DG  B N2     1 
ATOM   350 N N3     . DG  B 2 1  ? 8.333   2.255   15.277  1.00 0.00 ? 12 DG  B N3     1 
ATOM   351 C C4     . DG  B 2 1  ? 9.445   2.747   14.721  1.00 0.00 ? 12 DG  B C4     1 
ATOM   352 H "H5'"  . DG  B 2 1  ? 14.462  0.318   15.892  1.00 0.00 ? 12 DG  B "H5'"  1 
ATOM   353 H "H5''" . DG  B 2 1  ? 14.430  0.741   17.592  1.00 0.00 ? 12 DG  B "H5''" 1 
ATOM   354 H "H4'"  . DG  B 2 1  ? 12.296  -0.332  17.827  1.00 0.00 ? 12 DG  B "H4'"  1 
ATOM   355 H "H3'"  . DG  B 2 1  ? 12.902  -1.656  15.472  1.00 0.00 ? 12 DG  B "H3'"  1 
ATOM   356 H "H2'"  . DG  B 2 1  ? 12.410  0.253   14.200  1.00 0.00 ? 12 DG  B "H2'"  1 
ATOM   357 H "H2''" . DG  B 2 1  ? 10.865  -0.596  14.140  1.00 0.00 ? 12 DG  B "H2''" 1 
ATOM   358 H "H1'"  . DG  B 2 1  ? 10.114  0.630   16.105  1.00 0.00 ? 12 DG  B "H1'"  1 
ATOM   359 H H8     . DG  B 2 1  ? 12.563  2.828   14.027  1.00 0.00 ? 12 DG  B H8     1 
ATOM   360 H H1     . DG  B 2 1  ? 6.471   4.643   14.055  1.00 0.00 ? 12 DG  B H1     1 
ATOM   361 H H21    . DG  B 2 1  ? 5.309   3.191   15.405  1.00 0.00 ? 12 DG  B H21    1 
ATOM   362 H H22    . DG  B 2 1  ? 6.082   1.703   15.888  1.00 0.00 ? 12 DG  B H22    1 
ATOM   363 H "HO5'" . DG  B 2 1  ? 14.143  -1.669  17.221  1.00 0.00 ? 12 DG  B "HO5'" 1 
ATOM   364 P P      . DG  B 2 2  ? 10.354  -3.030  15.829  1.00 0.00 ? 13 DG  B P      1 
ATOM   365 O OP1    . DG  B 2 2  ? 10.241  -4.073  16.829  1.00 0.00 ? 13 DG  B OP1    1 
ATOM   366 O OP2    . DG  B 2 2  ? 10.974  -3.332  14.546  1.00 0.00 ? 13 DG  B OP2    1 
ATOM   367 O "O5'"  . DG  B 2 2  ? 8.894   -2.444  15.573  1.00 0.00 ? 13 DG  B "O5'"  1 
ATOM   368 C "C5'"  . DG  B 2 2  ? 7.938   -2.271  16.629  1.00 0.00 ? 13 DG  B "C5'"  1 
ATOM   369 C "C4'"  . DG  B 2 2  ? 6.582   -1.799  16.141  1.00 0.00 ? 13 DG  B "C4'"  1 
ATOM   370 O "O4'"  . DG  B 2 2  ? 6.706   -0.550  15.484  1.00 0.00 ? 13 DG  B "O4'"  1 
ATOM   371 C "C3'"  . DG  B 2 2  ? 5.906   -2.751  15.157  1.00 0.00 ? 13 DG  B "C3'"  1 
ATOM   372 O "O3'"  . DG  B 2 2  ? 4.490   -2.781  15.336  1.00 0.00 ? 13 DG  B "O3'"  1 
ATOM   373 C "C2'"  . DG  B 2 2  ? 6.283   -2.094  13.882  1.00 0.00 ? 13 DG  B "C2'"  1 
ATOM   374 C "C1'"  . DG  B 2 2  ? 6.101   -0.665  14.225  1.00 0.00 ? 13 DG  B "C1'"  1 
ATOM   375 N N9     . DG  B 2 2  ? 6.689   0.249   13.252  1.00 0.00 ? 13 DG  B N9     1 
ATOM   376 C C8     . DG  B 2 2  ? 7.945   0.290   12.727  1.00 0.00 ? 13 DG  B C8     1 
ATOM   377 N N7     . DG  B 2 2  ? 8.146   1.271   11.896  1.00 0.00 ? 13 DG  B N7     1 
ATOM   378 C C5     . DG  B 2 2  ? 6.923   1.921   11.875  1.00 0.00 ? 13 DG  B C5     1 
ATOM   379 C C6     . DG  B 2 2  ? 6.499   3.063   11.165  1.00 0.00 ? 13 DG  B C6     1 
ATOM   380 O O6     . DG  B 2 2  ? 7.117   3.777   10.392  1.00 0.00 ? 13 DG  B O6     1 
ATOM   381 N N1     . DG  B 2 2  ? 5.191   3.368   11.441  1.00 0.00 ? 13 DG  B N1     1 
ATOM   382 C C2     . DG  B 2 2  ? 4.378   2.667   12.292  1.00 0.00 ? 13 DG  B C2     1 
ATOM   383 N N2     . DG  B 2 2  ? 3.136   3.050   12.448  1.00 0.00 ? 13 DG  B N2     1 
ATOM   384 N N3     . DG  B 2 2  ? 4.761   1.605   12.960  1.00 0.00 ? 13 DG  B N3     1 
ATOM   385 C C4     . DG  B 2 2  ? 6.039   1.292   12.702  1.00 0.00 ? 13 DG  B C4     1 
ATOM   386 H "H5'"  . DG  B 2 2  ? 8.308   -1.529  17.314  1.00 0.00 ? 13 DG  B "H5'"  1 
ATOM   387 H "H5''" . DG  B 2 2  ? 7.814   -3.195  17.150  1.00 0.00 ? 13 DG  B "H5''" 1 
ATOM   388 H "H4'"  . DG  B 2 2  ? 5.925   -1.664  16.990  1.00 0.00 ? 13 DG  B "H4'"  1 
ATOM   389 H "H3'"  . DG  B 2 2  ? 6.301   -3.738  15.249  1.00 0.00 ? 13 DG  B "H3'"  1 
ATOM   390 H "H2'"  . DG  B 2 2  ? 7.320   -2.299  13.671  1.00 0.00 ? 13 DG  B "H2'"  1 
ATOM   391 H "H2''" . DG  B 2 2  ? 5.669   -2.381  13.049  1.00 0.00 ? 13 DG  B "H2''" 1 
ATOM   392 H "H1'"  . DG  B 2 2  ? 5.058   -0.444  14.381  1.00 0.00 ? 13 DG  B "H1'"  1 
ATOM   393 H H8     . DG  B 2 2  ? 8.694   -0.449  12.984  1.00 0.00 ? 13 DG  B H8     1 
ATOM   394 H H1     . DG  B 2 2  ? 4.855   4.183   10.960  1.00 0.00 ? 13 DG  B H1     1 
ATOM   395 H H21    . DG  B 2 2  ? 2.809   3.901   12.043  1.00 0.00 ? 13 DG  B H21    1 
ATOM   396 H H22    . DG  B 2 2  ? 2.532   2.456   12.978  1.00 0.00 ? 13 DG  B H22    1 
ATOM   397 P P      . DC  B 2 3  ? 3.431   -3.446  14.349  1.00 0.00 ? 14 DC  B P      1 
ATOM   398 O OP1    . DC  B 2 3  ? 2.513   -4.260  15.142  1.00 0.00 ? 14 DC  B OP1    1 
ATOM   399 O OP2    . DC  B 2 3  ? 4.163   -4.045  13.232  1.00 0.00 ? 14 DC  B OP2    1 
ATOM   400 O "O5'"  . DC  B 2 3  ? 2.605   -2.221  13.784  1.00 0.00 ? 14 DC  B "O5'"  1 
ATOM   401 C "C5'"  . DC  B 2 3  ? 1.720   -1.445  14.586  1.00 0.00 ? 14 DC  B "C5'"  1 
ATOM   402 C "C4'"  . DC  B 2 3  ? 0.887   -0.440  13.788  1.00 0.00 ? 14 DC  B "C4'"  1 
ATOM   403 O "O4'"  . DC  B 2 3  ? 1.728   0.432   13.021  1.00 0.00 ? 14 DC  B "O4'"  1 
ATOM   404 C "C3'"  . DC  B 2 3  ? -0.105  -1.054  12.806  1.00 0.00 ? 14 DC  B "C3'"  1 
ATOM   405 O "O3'"  . DC  B 2 3  ? -1.215  -0.166  12.628  1.00 0.00 ? 14 DC  B "O3'"  1 
ATOM   406 C "C2'"  . DC  B 2 3  ? 0.758   -1.140  11.600  1.00 0.00 ? 14 DC  B "C2'"  1 
ATOM   407 C "C1'"  . DC  B 2 3  ? 1.478   0.186   11.641  1.00 0.00 ? 14 DC  B "C1'"  1 
ATOM   408 N N1     . DC  B 2 3  ? 2.741   0.212   10.893  1.00 0.00 ? 14 DC  B N1     1 
ATOM   409 C C2     . DC  B 2 3  ? 2.924   1.232   9.996   1.00 0.00 ? 14 DC  B C2     1 
ATOM   410 O O2     . DC  B 2 3  ? 2.064   2.069   9.790   1.00 0.00 ? 14 DC  B O2     1 
ATOM   411 N N3     . DC  B 2 3  ? 4.085   1.296   9.327   1.00 0.00 ? 14 DC  B N3     1 
ATOM   412 C C4     . DC  B 2 3  ? 5.037   0.402   9.524   1.00 0.00 ? 14 DC  B C4     1 
ATOM   413 N N4     . DC  B 2 3  ? 6.154   0.528   8.843   1.00 0.00 ? 14 DC  B N4     1 
ATOM   414 C C5     . DC  B 2 3  ? 4.875   -0.663  10.443  1.00 0.00 ? 14 DC  B C5     1 
ATOM   415 C C6     . DC  B 2 3  ? 3.713   -0.718  11.101  1.00 0.00 ? 14 DC  B C6     1 
ATOM   416 H "H5'"  . DC  B 2 3  ? 2.319   -0.878  15.279  1.00 0.00 ? 14 DC  B "H5'"  1 
ATOM   417 H "H5''" . DC  B 2 3  ? 1.059   -2.099  15.140  1.00 0.00 ? 14 DC  B "H5''" 1 
ATOM   418 H "H4'"  . DC  B 2 3  ? 0.330   0.175   14.477  1.00 0.00 ? 14 DC  B "H4'"  1 
ATOM   419 H "H3'"  . DC  B 2 3  ? -0.462  -2.017  13.152  1.00 0.00 ? 14 DC  B "H3'"  1 
ATOM   420 H "H2'"  . DC  B 2 3  ? 1.431   -1.971  11.770  1.00 0.00 ? 14 DC  B "H2'"  1 
ATOM   421 H "H2''" . DC  B 2 3  ? 0.229   -1.300  10.673  1.00 0.00 ? 14 DC  B "H2''" 1 
ATOM   422 H "H1'"  . DC  B 2 3  ? 0.804   0.959   11.298  1.00 0.00 ? 14 DC  B "H1'"  1 
ATOM   423 H H41    . DC  B 2 3  ? 6.258   1.337   8.257   1.00 0.00 ? 14 DC  B H41    1 
ATOM   424 H H42    . DC  B 2 3  ? 6.880   -0.157  8.906   1.00 0.00 ? 14 DC  B H42    1 
ATOM   425 H H5     . DC  B 2 3  ? 5.655   -1.393  10.614  1.00 0.00 ? 14 DC  B H5     1 
ATOM   426 H H6     . DC  B 2 3  ? 3.547   -1.531  11.791  1.00 0.00 ? 14 DC  B H6     1 
ATOM   427 P P      . DG  B 2 4  ? -2.356  -0.324  11.509  1.00 0.00 ? 15 DG  B P      1 
ATOM   428 O OP1    . DG  B 2 4  ? -3.614  0.111   12.116  1.00 0.00 ? 15 DG  B OP1    1 
ATOM   429 O OP2    . DG  B 2 4  ? -2.256  -1.664  10.916  1.00 0.00 ? 15 DG  B OP2    1 
ATOM   430 O "O5'"  . DG  B 2 4  ? -1.969  0.740   10.378  1.00 0.00 ? 15 DG  B "O5'"  1 
ATOM   431 C "C5'"  . DG  B 2 4  ? -2.218  2.139   10.550  1.00 0.00 ? 15 DG  B "C5'"  1 
ATOM   432 C "C4'"  . DG  B 2 4  ? -2.147  2.929   9.251   1.00 0.00 ? 15 DG  B "C4'"  1 
ATOM   433 O "O4'"  . DG  B 2 4  ? -0.850  2.876   8.649   1.00 0.00 ? 15 DG  B "O4'"  1 
ATOM   434 C "C3'"  . DG  B 2 4  ? -3.143  2.484   8.188   1.00 0.00 ? 15 DG  B "C3'"  1 
ATOM   435 O "O3'"  . DG  B 2 4  ? -3.629  3.621   7.503   1.00 0.00 ? 15 DG  B "O3'"  1 
ATOM   436 C "C2'"  . DG  B 2 4  ? -2.253  1.652   7.312   1.00 0.00 ? 15 DG  B "C2'"  1 
ATOM   437 C "C1'"  . DG  B 2 4  ? -0.987  2.467   7.285   1.00 0.00 ? 15 DG  B "C1'"  1 
ATOM   438 N N9     . DG  B 2 4  ? 0.239   1.756   6.909   1.00 0.00 ? 15 DG  B N9     1 
ATOM   439 C C8     . DG  B 2 4  ? 0.731   0.571   7.378   1.00 0.00 ? 15 DG  B C8     1 
ATOM   440 N N7     . DG  B 2 4  ? 1.890   0.245   6.882   1.00 0.00 ? 15 DG  B N7     1 
ATOM   441 C C5     . DG  B 2 4  ? 2.180   1.294   6.019   1.00 0.00 ? 15 DG  B C5     1 
ATOM   442 C C6     . DG  B 2 4  ? 3.304   1.513   5.190   1.00 0.00 ? 15 DG  B C6     1 
ATOM   443 O O6     . DG  B 2 4  ? 4.306   0.830   5.033   1.00 0.00 ? 15 DG  B O6     1 
ATOM   444 N N1     . DG  B 2 4  ? 3.203   2.685   4.487   1.00 0.00 ? 15 DG  B N1     1 
ATOM   445 C C2     . DG  B 2 4  ? 2.147   3.555   4.562   1.00 0.00 ? 15 DG  B C2     1 
ATOM   446 N N2     . DG  B 2 4  ? 2.188   4.636   3.814   1.00 0.00 ? 15 DG  B N2     1 
ATOM   447 N N3     . DG  B 2 4  ? 1.089   3.366   5.333   1.00 0.00 ? 15 DG  B N3     1 
ATOM   448 C C4     . DG  B 2 4  ? 1.173   2.217   6.032   1.00 0.00 ? 15 DG  B C4     1 
ATOM   449 H "H5'"  . DG  B 2 4  ? -1.482  2.546   11.226  1.00 0.00 ? 15 DG  B "H5'"  1 
ATOM   450 H "H5''" . DG  B 2 4  ? -3.195  2.289   10.985  1.00 0.00 ? 15 DG  B "H5''" 1 
ATOM   451 H "H4'"  . DG  B 2 4  ? -2.370  3.966   9.470   1.00 0.00 ? 15 DG  B "H4'"  1 
ATOM   452 H "H3'"  . DG  B 2 4  ? -3.958  1.936   8.615   1.00 0.00 ? 15 DG  B "H3'"  1 
ATOM   453 H "H2'"  . DG  B 2 4  ? -2.071  0.710   7.814   1.00 0.00 ? 15 DG  B "H2'"  1 
ATOM   454 H "H2''" . DG  B 2 4  ? -2.670  1.475   6.328   1.00 0.00 ? 15 DG  B "H2''" 1 
ATOM   455 H "H1'"  . DG  B 2 4  ? -1.136  3.341   6.659   1.00 0.00 ? 15 DG  B "H1'"  1 
ATOM   456 H H8     . DG  B 2 4  ? 0.194   -0.042  8.094   1.00 0.00 ? 15 DG  B H8     1 
ATOM   457 H H1     . DG  B 2 4  ? 3.999   2.867   3.894   1.00 0.00 ? 15 DG  B H1     1 
ATOM   458 H H21    . DG  B 2 4  ? 3.021   4.871   3.301   1.00 0.00 ? 15 DG  B H21    1 
ATOM   459 H H22    . DG  B 2 4  ? 1.370   5.218   3.775   1.00 0.00 ? 15 DG  B H22    1 
ATOM   460 P P      . DT  B 2 5  ? -4.642  3.680   6.337   1.00 0.00 ? 16 DT  B P      1 
ATOM   461 O OP1    . DT  B 2 5  ? -5.806  4.298   6.808   1.00 0.00 ? 16 DT  B OP1    1 
ATOM   462 O OP2    . DT  B 2 5  ? -4.721  2.372   5.726   1.00 0.00 ? 16 DT  B OP2    1 
ATOM   463 O "O5'"  . DT  B 2 5  ? -3.997  4.663   5.327   1.00 0.00 ? 16 DT  B "O5'"  1 
ATOM   464 C "C5'"  . DT  B 2 5  ? -3.589  5.988   5.541   1.00 0.00 ? 16 DT  B "C5'"  1 
ATOM   465 C "C4'"  . DT  B 2 5  ? -2.855  6.536   4.342   1.00 0.00 ? 16 DT  B "C4'"  1 
ATOM   466 O "O4'"  . DT  B 2 5  ? -1.733  5.711   4.058   1.00 0.00 ? 16 DT  B "O4'"  1 
ATOM   467 C "C3'"  . DT  B 2 5  ? -3.704  6.575   3.072   1.00 0.00 ? 16 DT  B "C3'"  1 
ATOM   468 O "O3'"  . DT  B 2 5  ? -3.273  7.611   2.186   1.00 0.00 ? 16 DT  B "O3'"  1 
ATOM   469 C "C2'"  . DT  B 2 5  ? -3.401  5.203   2.558   1.00 0.00 ? 16 DT  B "C2'"  1 
ATOM   470 C "C1'"  . DT  B 2 5  ? -1.917  5.104   2.791   1.00 0.00 ? 16 DT  B "C1'"  1 
ATOM   471 N N1     . DT  B 2 5  ? -1.317  3.747   2.753   1.00 0.00 ? 16 DT  B N1     1 
ATOM   472 C C2     . DT  B 2 5  ? -0.119  3.628   2.085   1.00 0.00 ? 16 DT  B C2     1 
ATOM   473 O O2     . DT  B 2 5  ? 0.448   4.557   1.530   1.00 0.00 ? 16 DT  B O2     1 
ATOM   474 N N3     . DT  B 2 5  ? 0.434   2.383   2.061   1.00 0.00 ? 16 DT  B N3     1 
ATOM   475 C C4     . DT  B 2 5  ? -0.072  1.250   2.622   1.00 0.00 ? 16 DT  B C4     1 
ATOM   476 O O4     . DT  B 2 5  ? 0.547   0.204   2.518   1.00 0.00 ? 16 DT  B O4     1 
ATOM   477 C C5     . DT  B 2 5  ? -1.316  1.433   3.301   1.00 0.00 ? 16 DT  B C5     1 
ATOM   478 C C7     . DT  B 2 5  ? -1.977  0.219   3.959   1.00 0.00 ? 16 DT  B C7     1 
ATOM   479 C C6     . DT  B 2 5  ? -1.895  2.651   3.349   1.00 0.00 ? 16 DT  B C6     1 
ATOM   480 H "H5'"  . DT  B 2 5  ? -2.933  6.017   6.388   1.00 0.00 ? 16 DT  B "H5'"  1 
ATOM   481 H "H5''" . DT  B 2 5  ? -4.433  6.600   5.730   1.00 0.00 ? 16 DT  B "H5''" 1 
ATOM   482 H "H4'"  . DT  B 2 5  ? -2.501  7.525   4.555   1.00 0.00 ? 16 DT  B "H4'"  1 
ATOM   483 H "H3'"  . DT  B 2 5  ? -4.745  6.738   3.314   1.00 0.00 ? 16 DT  B "H3'"  1 
ATOM   484 H "H2'"  . DT  B 2 5  ? -3.961  4.514   3.173   1.00 0.00 ? 16 DT  B "H2'"  1 
ATOM   485 H "H2''" . DT  B 2 5  ? -3.679  5.065   1.525   1.00 0.00 ? 16 DT  B "H2''" 1 
ATOM   486 H "H1'"  . DT  B 2 5  ? -1.464  5.755   2.056   1.00 0.00 ? 16 DT  B "H1'"  1 
ATOM   487 H H3     . DT  B 2 5  ? 1.302   2.297   1.576   1.00 0.00 ? 16 DT  B H3     1 
ATOM   488 H H71    . DT  B 2 5  ? -2.765  0.556   4.633   1.00 0.00 ? 16 DT  B H71    1 
ATOM   489 H H72    . DT  B 2 5  ? -2.405  -0.423  3.190   1.00 0.00 ? 16 DT  B H72    1 
ATOM   490 H H73    . DT  B 2 5  ? -1.230  -0.338  4.525   1.00 0.00 ? 16 DT  B H73    1 
ATOM   491 H H6     . DT  B 2 5  ? -2.836  2.735   3.881   1.00 0.00 ? 16 DT  B H6     1 
ATOM   492 P P      . DA  B 2 6  ? -3.767  7.783   0.669   1.00 0.00 ? 17 DA  B P      1 
ATOM   493 O OP1    . DA  B 2 6  ? -3.889  9.184   0.387   1.00 0.00 ? 17 DA  B OP1    1 
ATOM   494 O OP2    . DA  B 2 6  ? -4.890  6.931   0.458   1.00 0.00 ? 17 DA  B OP2    1 
ATOM   495 O "O5'"  . DA  B 2 6  ? -2.582  7.215   -0.216  1.00 0.00 ? 17 DA  B "O5'"  1 
ATOM   496 C "C5'"  . DA  B 2 6  ? -1.478  7.993   -0.586  1.00 0.00 ? 17 DA  B "C5'"  1 
ATOM   497 C "C4'"  . DA  B 2 6  ? -0.733  7.436   -1.757  1.00 0.00 ? 17 DA  B "C4'"  1 
ATOM   498 O "O4'"  . DA  B 2 6  ? -0.165  6.148   -1.494  1.00 0.00 ? 17 DA  B "O4'"  1 
ATOM   499 C "C3'"  . DA  B 2 6  ? -1.598  7.325   -2.978  1.00 0.00 ? 17 DA  B "C3'"  1 
ATOM   500 O "O3'"  . DA  B 2 6  ? -0.848  7.540   -4.136  1.00 0.00 ? 17 DA  B "O3'"  1 
ATOM   501 C "C2'"  . DA  B 2 6  ? -1.960  5.893   -2.873  1.00 0.00 ? 17 DA  B "C2'"  1 
ATOM   502 C "C1'"  . DA  B 2 6  ? -0.680  5.211   -2.429  1.00 0.00 ? 17 DA  B "C1'"  1 
ATOM   503 N N9     . DA  B 2 6  ? -0.796  3.924   -1.731  1.00 0.00 ? 17 DA  B N9     1 
ATOM   504 C C8     . DA  B 2 6  ? -1.760  3.484   -0.872  1.00 0.00 ? 17 DA  B C8     1 
ATOM   505 N N7     . DA  B 2 6  ? -1.538  2.307   -0.379  1.00 0.00 ? 17 DA  B N7     1 
ATOM   506 C C5     . DA  B 2 6  ? -0.335  1.939   -0.958  1.00 0.00 ? 17 DA  B C5     1 
ATOM   507 C C6     . DA  B 2 6  ? 0.453   0.799   -0.849  1.00 0.00 ? 17 DA  B C6     1 
ATOM   508 N N6     . DA  B 2 6  ? 0.141   -0.216  -0.062  1.00 0.00 ? 17 DA  B N6     1 
ATOM   509 N N1     . DA  B 2 6  ? 1.579   0.749   -1.557  1.00 0.00 ? 17 DA  B N1     1 
ATOM   510 C C2     . DA  B 2 6  ? 1.905   1.773   -2.326  1.00 0.00 ? 17 DA  B C2     1 
ATOM   511 N N3     . DA  B 2 6  ? 1.251   2.898   -2.509  1.00 0.00 ? 17 DA  B N3     1 
ATOM   512 C C4     . DA  B 2 6  ? 0.120   2.916   -1.784  1.00 0.00 ? 17 DA  B C4     1 
ATOM   513 H "H5'"  . DA  B 2 6  ? -0.794  8.039   0.237   1.00 0.00 ? 17 DA  B "H5'"  1 
ATOM   514 H "H5''" . DA  B 2 6  ? -1.823  8.985   -0.836  1.00 0.00 ? 17 DA  B "H5''" 1 
ATOM   515 H "H4'"  . DA  B 2 6  ? 0.070   8.086   -1.986  1.00 0.00 ? 17 DA  B "H4'"  1 
ATOM   516 H "H3'"  . DA  B 2 6  ? -2.426  8.024   -2.931  1.00 0.00 ? 17 DA  B "H3'"  1 
ATOM   517 H "H2'"  . DA  B 2 6  ? -2.729  5.843   -2.142  1.00 0.00 ? 17 DA  B "H2'"  1 
ATOM   518 H "H2''" . DA  B 2 6  ? -2.319  5.495   -3.784  1.00 0.00 ? 17 DA  B "H2''" 1 
ATOM   519 H "H1'"  . DA  B 2 6  ? -0.001  5.120   -3.261  1.00 0.00 ? 17 DA  B "H1'"  1 
ATOM   520 H H8     . DA  B 2 6  ? -2.648  4.048   -0.612  1.00 0.00 ? 17 DA  B H8     1 
ATOM   521 H H61    . DA  B 2 6  ? 0.767   -1.031  -0.002  1.00 0.00 ? 17 DA  B H61    1 
ATOM   522 H H62    . DA  B 2 6  ? -0.728  -0.192  0.490   1.00 0.00 ? 17 DA  B H62    1 
ATOM   523 H H2     . DA  B 2 6  ? 2.832   1.672   -2.877  1.00 0.00 ? 17 DA  B H2     1 
ATOM   524 P P      . DT  B 2 7  ? -1.460  8.066   -5.495  1.00 0.00 ? 18 DT  B P      1 
ATOM   525 O OP1    . DT  B 2 7  ? -1.266  9.484   -5.511  1.00 0.00 ? 18 DT  B OP1    1 
ATOM   526 O OP2    . DT  B 2 7  ? -2.776  7.521   -5.655  1.00 0.00 ? 18 DT  B OP2    1 
ATOM   527 O "O5'"  . DT  B 2 7  ? -0.559  7.406   -6.624  1.00 0.00 ? 18 DT  B "O5'"  1 
ATOM   528 C "C5'"  . DT  B 2 7  ? 0.843   7.561   -6.654  1.00 0.00 ? 18 DT  B "C5'"  1 
ATOM   529 C "C4'"  . DT  B 2 7  ? 1.556   6.284   -7.010  1.00 0.00 ? 18 DT  B "C4'"  1 
ATOM   530 O "O4'"  . DT  B 2 7  ? 1.152   5.283   -6.083  1.00 0.00 ? 18 DT  B "O4'"  1 
ATOM   531 C "C3'"  . DT  B 2 7  ? 1.288   5.747   -8.408  1.00 0.00 ? 18 DT  B "C3'"  1 
ATOM   532 O "O3'"  . DT  B 2 7  ? 2.444   5.073   -8.903  1.00 0.00 ? 18 DT  B "O3'"  1 
ATOM   533 C "C2'"  . DT  B 2 7  ? 0.169   4.815   -8.102  1.00 0.00 ? 18 DT  B "C2'"  1 
ATOM   534 C "C1'"  . DT  B 2 7  ? 0.612   4.192   -6.802  1.00 0.00 ? 18 DT  B "C1'"  1 
ATOM   535 N N1     . DT  B 2 7  ? -0.423  3.487   -6.010  1.00 0.00 ? 18 DT  B N1     1 
ATOM   536 C C2     . DT  B 2 7  ? -0.035  2.336   -5.369  1.00 0.00 ? 18 DT  B C2     1 
ATOM   537 O O2     . DT  B 2 7  ? 1.096   1.878   -5.423  1.00 0.00 ? 18 DT  B O2     1 
ATOM   538 N N3     . DT  B 2 7  ? -0.995  1.701   -4.639  1.00 0.00 ? 18 DT  B N3     1 
ATOM   539 C C4     . DT  B 2 7  ? -2.292  2.082   -4.476  1.00 0.00 ? 18 DT  B C4     1 
ATOM   540 O O4     . DT  B 2 7  ? -3.034  1.406   -3.779  1.00 0.00 ? 18 DT  B O4     1 
ATOM   541 C C5     . DT  B 2 7  ? -2.634  3.286   -5.166  1.00 0.00 ? 18 DT  B C5     1 
ATOM   542 C C7     . DT  B 2 7  ? -4.060  3.826   -5.081  1.00 0.00 ? 18 DT  B C7     1 
ATOM   543 C C6     . DT  B 2 7  ? -1.711  3.937   -5.896  1.00 0.00 ? 18 DT  B C6     1 
ATOM   544 H "H5'"  . DT  B 2 7  ? 1.181   7.872   -5.681  1.00 0.00 ? 18 DT  B "H5'"  1 
ATOM   545 H "H5''" . DT  B 2 7  ? 1.111   8.307   -7.372  1.00 0.00 ? 18 DT  B "H5''" 1 
ATOM   546 H "H4'"  . DT  B 2 7  ? 2.611   6.421   -6.920  1.00 0.00 ? 18 DT  B "H4'"  1 
ATOM   547 H "H3'"  . DT  B 2 7  ? 1.016   6.538   -9.082  1.00 0.00 ? 18 DT  B "H3'"  1 
ATOM   548 H "H2'"  . DT  B 2 7  ? -0.703  5.438   -7.966  1.00 0.00 ? 18 DT  B "H2'"  1 
ATOM   549 H "H2''" . DT  B 2 7  ? -0.002  4.089   -8.878  1.00 0.00 ? 18 DT  B "H2''" 1 
ATOM   550 H "H1'"  . DT  B 2 7  ? 1.445   3.536   -7.027  1.00 0.00 ? 18 DT  B "H1'"  1 
ATOM   551 H H3     . DT  B 2 7  ? -0.719  0.863   -4.178  1.00 0.00 ? 18 DT  B H3     1 
ATOM   552 H H71    . DT  B 2 7  ? -4.764  2.994   -5.092  1.00 0.00 ? 18 DT  B H71    1 
ATOM   553 H H72    . DT  B 2 7  ? -4.180  4.391   -4.157  1.00 0.00 ? 18 DT  B H72    1 
ATOM   554 H H73    . DT  B 2 7  ? -4.254  4.477   -5.933  1.00 0.00 ? 18 DT  B H73    1 
ATOM   555 H H6     . DT  B 2 7  ? -2.022  4.847   -6.389  1.00 0.00 ? 18 DT  B H6     1 
ATOM   556 P P      . DC  B 2 8  ? 2.611   4.398   -10.316 1.00 0.00 ? 19 DC  B P      1 
ATOM   557 O OP1    . DC  B 2 8  ? 3.811   4.901   -10.930 1.00 0.00 ? 19 DC  B OP1    1 
ATOM   558 O OP2    . DC  B 2 8  ? 1.351   4.493   -10.987 1.00 0.00 ? 19 DC  B OP2    1 
ATOM   559 O "O5'"  . DC  B 2 8  ? 2.870   2.887   -9.996  1.00 0.00 ? 19 DC  B "O5'"  1 
ATOM   560 C "C5'"  . DC  B 2 8  ? 4.043   2.424   -9.364  1.00 0.00 ? 19 DC  B "C5'"  1 
ATOM   561 C "C4'"  . DC  B 2 8  ? 4.017   0.946   -9.087  1.00 0.00 ? 19 DC  B "C4'"  1 
ATOM   562 O "O4'"  . DC  B 2 8  ? 2.902   0.599   -8.264  1.00 0.00 ? 19 DC  B "O4'"  1 
ATOM   563 C "C3'"  . DC  B 2 8  ? 3.938   0.092   -10.334 1.00 0.00 ? 19 DC  B "C3'"  1 
ATOM   564 O "O3'"  . DC  B 2 8  ? 4.627   -1.136  -10.145 1.00 0.00 ? 19 DC  B "O3'"  1 
ATOM   565 C "C2'"  . DC  B 2 8  ? 2.455   -0.075  -10.422 1.00 0.00 ? 19 DC  B "C2'"  1 
ATOM   566 C "C1'"  . DC  B 2 8  ? 2.043   -0.287  -8.976  1.00 0.00 ? 19 DC  B "C1'"  1 
ATOM   567 N N1     . DC  B 2 8  ? 0.641   0.071   -8.635  1.00 0.00 ? 19 DC  B N1     1 
ATOM   568 C C2     . DC  B 2 8  ? -0.074  -0.749  -7.787  1.00 0.00 ? 19 DC  B C2     1 
ATOM   569 O O2     . DC  B 2 8  ? 0.406   -1.765  -7.332  1.00 0.00 ? 19 DC  B O2     1 
ATOM   570 N N3     . DC  B 2 8  ? -1.343  -0.417  -7.456  1.00 0.00 ? 19 DC  B N3     1 
ATOM   571 C C4     . DC  B 2 8  ? -1.901  0.678   -7.933  1.00 0.00 ? 19 DC  B C4     1 
ATOM   572 N N4     . DC  B 2 8  ? -3.144  0.977   -7.569  1.00 0.00 ? 19 DC  B N4     1 
ATOM   573 C C5     . DC  B 2 8  ? -1.187  1.532   -8.811  1.00 0.00 ? 19 DC  B C5     1 
ATOM   574 C C6     . DC  B 2 8  ? 0.072   1.192   -9.130  1.00 0.00 ? 19 DC  B C6     1 
ATOM   575 H "H5'"  . DC  B 2 8  ? 4.138   2.926   -8.421  1.00 0.00 ? 19 DC  B "H5'"  1 
ATOM   576 H "H5''" . DC  B 2 8  ? 4.899   2.647   -9.980  1.00 0.00 ? 19 DC  B "H5''" 1 
ATOM   577 H "H4'"  . DC  B 2 8  ? 4.906   0.680   -8.562  1.00 0.00 ? 19 DC  B "H4'"  1 
ATOM   578 H "H3'"  . DC  B 2 8  ? 4.359   0.616   -11.176 1.00 0.00 ? 19 DC  B "H3'"  1 
ATOM   579 H "H2'"  . DC  B 2 8  ? 2.081   0.868   -10.811 1.00 0.00 ? 19 DC  B "H2'"  1 
ATOM   580 H "H2''" . DC  B 2 8  ? 2.150   -0.871  -11.088 1.00 0.00 ? 19 DC  B "H2''" 1 
ATOM   581 H "H1'"  . DC  B 2 8  ? 2.294   -1.306  -8.703  1.00 0.00 ? 19 DC  B "H1'"  1 
ATOM   582 H H41    . DC  B 2 8  ? -3.627  0.374   -6.921  1.00 0.00 ? 19 DC  B H41    1 
ATOM   583 H H42    . DC  B 2 8  ? -3.601  1.792   -7.926  1.00 0.00 ? 19 DC  B H42    1 
ATOM   584 H H5     . DC  B 2 8  ? -1.633  2.424   -9.214  1.00 0.00 ? 19 DC  B H5     1 
ATOM   585 H H6     . DC  B 2 8  ? 0.618   1.846   -9.794  1.00 0.00 ? 19 DC  B H6     1 
ATOM   586 P P      . DG  B 2 9  ? 4.782   -2.290  -11.210 1.00 0.00 ? 20 DG  B P      1 
ATOM   587 O OP1    . DG  B 2 9  ? 6.163   -2.705  -11.190 1.00 0.00 ? 20 DG  B OP1    1 
ATOM   588 O OP2    . DG  B 2 9  ? 4.189   -1.847  -12.448 1.00 0.00 ? 20 DG  B OP2    1 
ATOM   589 O "O5'"  . DG  B 2 9  ? 3.895   -3.489  -10.628 1.00 0.00 ? 20 DG  B "O5'"  1 
ATOM   590 C "C5'"  . DG  B 2 9  ? 4.335   -4.272  -9.542  1.00 0.00 ? 20 DG  B "C5'"  1 
ATOM   591 C "C4'"  . DG  B 2 9  ? 3.342   -5.332  -9.084  1.00 0.00 ? 20 DG  B "C4'"  1 
ATOM   592 O "O4'"  . DG  B 2 9  ? 2.116   -4.727  -8.701  1.00 0.00 ? 20 DG  B "O4'"  1 
ATOM   593 C "C3'"  . DG  B 2 9  ? 2.993   -6.394  -10.113 1.00 0.00 ? 20 DG  B "C3'"  1 
ATOM   594 O "O3'"  . DG  B 2 9  ? 2.734   -7.637  -9.485  1.00 0.00 ? 20 DG  B "O3'"  1 
ATOM   595 C "C2'"  . DG  B 2 9  ? 1.770   -5.796  -10.664 1.00 0.00 ? 20 DG  B "C2'"  1 
ATOM   596 C "C1'"  . DG  B 2 9  ? 1.090   -5.325  -9.437  1.00 0.00 ? 20 DG  B "C1'"  1 
ATOM   597 N N9     . DG  B 2 9  ? 0.033   -4.347  -9.624  1.00 0.00 ? 20 DG  B N9     1 
ATOM   598 C C8     . DG  B 2 9  ? -0.028  -3.242  -10.416 1.00 0.00 ? 20 DG  B C8     1 
ATOM   599 N N7     . DG  B 2 9  ? -1.133  -2.567  -10.288 1.00 0.00 ? 20 DG  B N7     1 
ATOM   600 C C5     . DG  B 2 9  ? -1.849  -3.291  -9.343  1.00 0.00 ? 20 DG  B C5     1 
ATOM   601 C C6     . DG  B 2 9  ? -3.127  -3.068  -8.780  1.00 0.00 ? 20 DG  B C6     1 
ATOM   602 O O6     . DG  B 2 9  ? -3.923  -2.163  -8.985  1.00 0.00 ? 20 DG  B O6     1 
ATOM   603 N N1     . DG  B 2 9  ? -3.454  -4.047  -7.869  1.00 0.00 ? 20 DG  B N1     1 
ATOM   604 C C2     . DG  B 2 9  ? -2.661  -5.107  -7.535  1.00 0.00 ? 20 DG  B C2     1 
ATOM   605 N N2     . DG  B 2 9  ? -3.106  -5.982  -6.665  1.00 0.00 ? 20 DG  B N2     1 
ATOM   606 N N3     . DG  B 2 9  ? -1.471  -5.321  -8.051  1.00 0.00 ? 20 DG  B N3     1 
ATOM   607 C C4     . DG  B 2 9  ? -1.134  -4.376  -8.943  1.00 0.00 ? 20 DG  B C4     1 
ATOM   608 H "H5'"  . DG  B 2 9  ? 4.508   -3.611  -8.723  1.00 0.00 ? 20 DG  B "H5'"  1 
ATOM   609 H "H5''" . DG  B 2 9  ? 5.253   -4.752  -9.800  1.00 0.00 ? 20 DG  B "H5''" 1 
ATOM   610 H "H4'"  . DG  B 2 9  ? 3.746   -5.835  -8.228  1.00 0.00 ? 20 DG  B "H4'"  1 
ATOM   611 H "H3'"  . DG  B 2 9  ? 3.777   -6.520  -10.818 1.00 0.00 ? 20 DG  B "H3'"  1 
ATOM   612 H "H2'"  . DG  B 2 9  ? 2.040   -4.948  -11.266 1.00 0.00 ? 20 DG  B "H2'"  1 
ATOM   613 H "H2''" . DG  B 2 9  ? 1.170   -6.489  -11.220 1.00 0.00 ? 20 DG  B "H2''" 1 
ATOM   614 H "H1'"  . DG  B 2 9  ? 0.732   -6.175  -8.889  1.00 0.00 ? 20 DG  B "H1'"  1 
ATOM   615 H H8     . DG  B 2 9  ? 0.765   -2.964  -11.103 1.00 0.00 ? 20 DG  B H8     1 
ATOM   616 H H1     . DG  B 2 9  ? -4.355  -3.927  -7.438  1.00 0.00 ? 20 DG  B H1     1 
ATOM   617 H H21    . DG  B 2 9  ? -3.956  -5.832  -6.169  1.00 0.00 ? 20 DG  B H21    1 
ATOM   618 H H22    . DG  B 2 9  ? -2.564  -6.799  -6.520  1.00 0.00 ? 20 DG  B H22    1 
ATOM   619 P P      . DC  B 2 10 ? 2.156   -8.977  -10.045 1.00 0.00 ? 21 DC  B P      1 
ATOM   620 O OP1    . DC  B 2 10 ? 2.867   -10.052 -9.449  1.00 0.00 ? 21 DC  B OP1    1 
ATOM   621 O OP2    . DC  B 2 10 ? 2.107   -8.845  -11.457 1.00 0.00 ? 21 DC  B OP2    1 
ATOM   622 O "O5'"  . DC  B 2 10 ? 0.722   -9.096  -9.494  1.00 0.00 ? 21 DC  B "O5'"  1 
ATOM   623 C "C5'"  . DC  B 2 10 ? 0.479   -9.549  -8.205  1.00 0.00 ? 21 DC  B "C5'"  1 
ATOM   624 C "C4'"  . DC  B 2 10 ? -0.941  -9.865  -7.921  1.00 0.00 ? 21 DC  B "C4'"  1 
ATOM   625 O "O4'"  . DC  B 2 10 ? -1.751  -8.742  -8.072  1.00 0.00 ? 21 DC  B "O4'"  1 
ATOM   626 C "C3'"  . DC  B 2 10 ? -1.492  -10.956 -8.800  1.00 0.00 ? 21 DC  B "C3'"  1 
ATOM   627 O "O3'"  . DC  B 2 10 ? -2.435  -11.738 -8.109  1.00 0.00 ? 21 DC  B "O3'"  1 
ATOM   628 C "C2'"  . DC  B 2 10 ? -2.108  -10.139 -9.842  1.00 0.00 ? 21 DC  B "C2'"  1 
ATOM   629 C "C1'"  . DC  B 2 10 ? -2.711  -9.004  -9.062  1.00 0.00 ? 21 DC  B "C1'"  1 
ATOM   630 N N1     . DC  B 2 10 ? -2.971  -7.769  -9.827  1.00 0.00 ? 21 DC  B N1     1 
ATOM   631 C C2     . DC  B 2 10 ? -4.175  -7.126  -9.613  1.00 0.00 ? 21 DC  B C2     1 
ATOM   632 O O2     . DC  B 2 10 ? -5.017  -7.554  -8.833  1.00 0.00 ? 21 DC  B O2     1 
ATOM   633 N N3     . DC  B 2 10 ? -4.425  -5.989  -10.289 1.00 0.00 ? 21 DC  B N3     1 
ATOM   634 C C4     . DC  B 2 10 ? -3.537  -5.493  -11.148 1.00 0.00 ? 21 DC  B C4     1 
ATOM   635 N N4     . DC  B 2 10 ? -3.837  -4.374  -11.776 1.00 0.00 ? 21 DC  B N4     1 
ATOM   636 C C5     . DC  B 2 10 ? -2.294  -6.136  -11.386 1.00 0.00 ? 21 DC  B C5     1 
ATOM   637 C C6     . DC  B 2 10 ? -2.055  -7.266  -10.707 1.00 0.00 ? 21 DC  B C6     1 
ATOM   638 H "H5'"  . DC  B 2 10 ? 0.768   -8.802  -7.509  1.00 0.00 ? 21 DC  B "H5'"  1 
ATOM   639 H "H5''" . DC  B 2 10 ? 1.045   -10.417 -8.055  1.00 0.00 ? 21 DC  B "H5''" 1 
ATOM   640 H "H4'"  . DC  B 2 10 ? -1.031  -10.163 -6.915  1.00 0.00 ? 21 DC  B "H4'"  1 
ATOM   641 H "H3'"  . DC  B 2 10 ? -0.710  -11.578 -9.184  1.00 0.00 ? 21 DC  B "H3'"  1 
ATOM   642 H "H2'"  . DC  B 2 10 ? -1.304  -9.813  -10.473 1.00 0.00 ? 21 DC  B "H2'"  1 
ATOM   643 H "H2''" . DC  B 2 10 ? -2.822  -10.672 -10.412 1.00 0.00 ? 21 DC  B "H2''" 1 
ATOM   644 H "H1'"  . DC  B 2 10 ? -3.614  -9.352  -8.582  1.00 0.00 ? 21 DC  B "H1'"  1 
ATOM   645 H H41    . DC  B 2 10 ? -4.745  -3.975  -11.598 1.00 0.00 ? 21 DC  B H41    1 
ATOM   646 H H42    . DC  B 2 10 ? -3.190  -3.934  -12.407 1.00 0.00 ? 21 DC  B H42    1 
ATOM   647 H H5     . DC  B 2 10 ? -1.573  -5.729  -12.089 1.00 0.00 ? 21 DC  B H5     1 
ATOM   648 H H6     . DC  B 2 10 ? -1.114  -7.779  -10.874 1.00 0.00 ? 21 DC  B H6     1 
ATOM   649 P P      . DG  B 2 11 ? -3.172  -12.975 -8.693  1.00 0.00 ? 22 DG  B P      1 
ATOM   650 O OP1    . DG  B 2 11 ? -3.982  -13.642 -7.747  1.00 0.00 ? 22 DG  B OP1    1 
ATOM   651 O OP2    . DG  B 2 11 ? -2.265  -13.686 -9.353  1.00 0.00 ? 22 DG  B OP2    1 
ATOM   652 O "O5'"  . DG  B 2 11 ? -4.042  -12.345 -9.671  1.00 0.00 ? 22 DG  B "O5'"  1 
ATOM   653 C "C5'"  . DG  B 2 11 ? -5.209  -12.815 -10.234 1.00 0.00 ? 22 DG  B "C5'"  1 
ATOM   654 C "C4'"  . DG  B 2 11 ? -6.404  -12.395 -9.509  1.00 0.00 ? 22 DG  B "C4'"  1 
ATOM   655 O "O4'"  . DG  B 2 11 ? -6.462  -10.996 -9.489  1.00 0.00 ? 22 DG  B "O4'"  1 
ATOM   656 C "C3'"  . DG  B 2 11 ? -7.653  -12.849 -10.153 1.00 0.00 ? 22 DG  B "C3'"  1 
ATOM   657 O "O3'"  . DG  B 2 11 ? -8.704  -12.838 -9.262  1.00 0.00 ? 22 DG  B "O3'"  1 
ATOM   658 C "C2'"  . DG  B 2 11 ? -7.770  -11.737 -11.137 1.00 0.00 ? 22 DG  B "C2'"  1 
ATOM   659 C "C1'"  . DG  B 2 11 ? -7.438  -10.536 -10.366 1.00 0.00 ? 22 DG  B "C1'"  1 
ATOM   660 N N9     . DG  B 2 11 ? -6.954  -9.416  -11.168 1.00 0.00 ? 22 DG  B N9     1 
ATOM   661 C C8     . DG  B 2 11 ? -5.749  -9.230  -11.727 1.00 0.00 ? 22 DG  B C8     1 
ATOM   662 N N7     . DG  B 2 11 ? -5.628  -8.103  -12.361 1.00 0.00 ? 22 DG  B N7     1 
ATOM   663 C C5     . DG  B 2 11 ? -6.848  -7.504  -12.209 1.00 0.00 ? 22 DG  B C5     1 
ATOM   664 C C6     . DG  B 2 11 ? -7.329  -6.261  -12.675 1.00 0.00 ? 22 DG  B C6     1 
ATOM   665 O O6     . DG  B 2 11 ? -6.788  -5.391  -13.324 1.00 0.00 ? 22 DG  B O6     1 
ATOM   666 N N1     . DG  B 2 11 ? -8.603  -6.053  -12.298 1.00 0.00 ? 22 DG  B N1     1 
ATOM   667 C C2     . DG  B 2 11 ? -9.341  -6.923  -11.565 1.00 0.00 ? 22 DG  B C2     1 
ATOM   668 N N2     . DG  B 2 11 ? -10.556 -6.579  -11.289 1.00 0.00 ? 22 DG  B N2     1 
ATOM   669 N N3     . DG  B 2 11 ? -8.908  -8.084  -11.123 1.00 0.00 ? 22 DG  B N3     1 
ATOM   670 C C4     . DG  B 2 11 ? -7.656  -8.305  -11.481 1.00 0.00 ? 22 DG  B C4     1 
ATOM   671 H "H5'"  . DG  B 2 11 ? -5.215  -13.862 -10.250 1.00 0.00 ? 22 DG  B "H5'"  1 
ATOM   672 H "H5''" . DG  B 2 11 ? -5.232  -12.438 -11.211 1.00 0.00 ? 22 DG  B "H5''" 1 
ATOM   673 H "H4'"  . DG  B 2 11 ? -6.363  -12.786 -8.533  1.00 0.00 ? 22 DG  B "H4'"  1 
ATOM   674 H "H3'"  . DG  B 2 11 ? -7.583  -13.818 -10.551 1.00 0.00 ? 22 DG  B "H3'"  1 
ATOM   675 H "HO3'" . DG  B 2 11 ? -8.801  -12.772 -8.970  1.00 0.00 ? 22 DG  B "HO3'" 1 
ATOM   676 H "H2'"  . DG  B 2 11 ? -7.050  -11.850 -11.887 1.00 0.00 ? 22 DG  B "H2'"  1 
ATOM   677 H "H2''" . DG  B 2 11 ? -8.720  -11.654 -11.563 1.00 0.00 ? 22 DG  B "H2''" 1 
ATOM   678 H "H1'"  . DG  B 2 11 ? -8.292  -10.241 -9.838  1.00 0.00 ? 22 DG  B "H1'"  1 
ATOM   679 H H8     . DG  B 2 11 ? -4.969  -9.966  -11.653 1.00 0.00 ? 22 DG  B H8     1 
ATOM   680 H H1     . DG  B 2 11 ? -8.970  -5.177  -12.610 1.00 0.00 ? 22 DG  B H1     1 
ATOM   681 H H21    . DG  B 2 11 ? -10.899 -5.703  -11.621 1.00 0.00 ? 22 DG  B H21    1 
ATOM   682 H H22    . DG  B 2 11 ? -11.126 -7.197  -10.750 1.00 0.00 ? 22 DG  B H22    1 
HETATM 683 O O      . HOH C 3 .  ? 2.703   -1.666  -0.649  1.00 0.00 ? 23 HOH A O      1 
HETATM 684 H H1     . HOH C 3 .  ? 3.523   -1.747  -1.034  1.00 0.00 ? 23 HOH A H1     1 
HETATM 685 H H2     . HOH C 3 .  ? 2.347   -0.888  -1.016  1.00 0.00 ? 23 HOH A H2     1 
# 
